data_8DY5
#
_entry.id   8DY5
#
_cell.length_a   82.430
_cell.length_b   226.380
_cell.length_c   75.350
_cell.angle_alpha   90.000
_cell.angle_beta   90.000
_cell.angle_gamma   90.000
#
_symmetry.space_group_name_H-M   'C 2 2 21'
#
loop_
_entity.id
_entity.type
_entity.pdbx_description
1 polymer 'spFv CAT2200 LH'
2 polymer Interleukin-17A
3 non-polymer 'CHLORIDE ION'
4 non-polymer 'CALCIUM ION'
5 non-polymer 'MAGNESIUM ION'
6 water water
#
loop_
_entity_poly.entity_id
_entity_poly.type
_entity_poly.pdbx_seq_one_letter_code
_entity_poly.pdbx_strand_id
1 'polypeptide(L)'
;NFMLTQPHSVSESPGKTVTISCTRSSGSLANYYVQWYQQRPGCSPTIVIFANNQRPSGVPDRFSGSIDSSSNSASLTISG
LKTEDEADYYCQTYDPYSVVFGGGTKLTVLGGSGGSGGCPPCGSGGEVQLLESGGGLVQPGGSLRLSCAASGFGFSSYAM
SWVRQAPGKGLEWVSAISGSGGSTYYADSVKGRFTISRDNSKNTLYLQMNSLRAEDTAVYYCARDLIHGVTRNWGCGTLV
TVSSGHHHHHH
;
A,B
2 'polypeptide(L)'
;MNSEDKNFPRTVMVNLNIHNRNTNTNPKRSSDYYNRSTSPWNLHRNEDPERYPSVIWEAQCRHLGCINADGNVDYHMNSV
PIQQEILVLRREPPHSPNSFRLEKILVSVGCTCVTPIVHHVQ
;
C,D
#
loop_
_chem_comp.id
_chem_comp.type
_chem_comp.name
_chem_comp.formula
CA non-polymer 'CALCIUM ION' 'Ca 2'
CL non-polymer 'CHLORIDE ION' 'Cl -1'
MG non-polymer 'MAGNESIUM ION' 'Mg 2'
#
# COMPACT_ATOMS: atom_id res chain seq x y z
N ASN A 1 -22.36 -32.05 16.11
CA ASN A 1 -22.39 -30.59 16.06
C ASN A 1 -23.62 -30.09 15.30
N PHE A 2 -23.55 -30.11 13.97
CA PHE A 2 -24.64 -29.63 13.14
C PHE A 2 -24.61 -30.36 11.81
N MET A 3 -25.73 -30.28 11.09
CA MET A 3 -25.86 -30.82 9.75
C MET A 3 -26.19 -29.71 8.76
N LEU A 4 -25.87 -29.96 7.50
CA LEU A 4 -26.25 -29.11 6.37
C LEU A 4 -27.17 -29.91 5.46
N THR A 5 -28.33 -29.36 5.14
CA THR A 5 -29.32 -30.06 4.34
C THR A 5 -29.50 -29.33 3.02
N GLN A 6 -29.14 -30.00 1.93
CA GLN A 6 -29.40 -29.52 0.58
C GLN A 6 -30.10 -30.63 -0.20
N PRO A 7 -30.88 -30.29 -1.23
CA PRO A 7 -31.65 -31.35 -1.92
C PRO A 7 -30.75 -32.38 -2.57
N HIS A 8 -31.30 -33.60 -2.69
CA HIS A 8 -30.57 -34.65 -3.38
C HIS A 8 -30.34 -34.27 -4.84
N SER A 9 -31.34 -33.67 -5.48
CA SER A 9 -31.20 -33.31 -6.89
C SER A 9 -32.17 -32.21 -7.25
N VAL A 10 -31.86 -31.53 -8.37
CA VAL A 10 -32.63 -30.41 -8.92
C VAL A 10 -32.47 -30.44 -10.43
N SER A 11 -33.51 -30.04 -11.17
CA SER A 11 -33.39 -29.91 -12.62
C SER A 11 -33.93 -28.58 -13.10
N GLU A 12 -33.31 -28.06 -14.17
CA GLU A 12 -33.66 -26.76 -14.72
C GLU A 12 -33.19 -26.71 -16.17
N SER A 13 -33.90 -25.92 -16.97
CA SER A 13 -33.62 -25.81 -18.40
C SER A 13 -32.45 -24.87 -18.67
N PRO A 14 -31.77 -25.05 -19.80
CA PRO A 14 -30.68 -24.14 -20.14
C PRO A 14 -31.18 -22.72 -20.35
N GLY A 15 -30.32 -21.75 -20.07
CA GLY A 15 -30.67 -20.36 -20.19
C GLY A 15 -31.46 -19.80 -19.03
N LYS A 16 -31.94 -20.65 -18.12
CA LYS A 16 -32.72 -20.22 -16.96
C LYS A 16 -31.83 -20.10 -15.73
N THR A 17 -32.39 -19.54 -14.67
CA THR A 17 -31.71 -19.39 -13.39
C THR A 17 -32.15 -20.51 -12.45
N VAL A 18 -31.20 -21.04 -11.67
CA VAL A 18 -31.52 -22.05 -10.68
C VAL A 18 -30.84 -21.65 -9.37
N THR A 19 -31.51 -21.90 -8.26
CA THR A 19 -30.99 -21.65 -6.92
C THR A 19 -30.98 -22.96 -6.17
N ILE A 20 -29.86 -23.25 -5.51
CA ILE A 20 -29.71 -24.41 -4.63
C ILE A 20 -29.52 -23.90 -3.22
N SER A 21 -30.37 -24.34 -2.28
CA SER A 21 -30.28 -23.87 -0.91
C SER A 21 -29.80 -24.94 0.06
N CYS A 22 -29.21 -24.49 1.14
CA CYS A 22 -28.53 -25.33 2.12
C CYS A 22 -28.92 -24.78 3.49
N THR A 23 -29.58 -25.60 4.30
CA THR A 23 -30.08 -25.20 5.60
C THR A 23 -29.22 -25.80 6.70
N ARG A 24 -28.82 -24.98 7.67
CA ARG A 24 -27.98 -25.40 8.79
C ARG A 24 -28.87 -25.72 9.99
N SER A 25 -28.68 -26.90 10.59
CA SER A 25 -29.58 -27.41 11.61
C SER A 25 -29.39 -26.75 12.96
N SER A 26 -28.18 -26.33 13.29
CA SER A 26 -27.89 -25.82 14.62
C SER A 26 -26.71 -24.86 14.56
N GLY A 27 -26.62 -23.97 15.53
CA GLY A 27 -25.70 -22.87 15.40
C GLY A 27 -26.19 -21.83 14.41
N SER A 28 -25.71 -20.61 14.50
CA SER A 28 -26.16 -19.53 13.62
C SER A 28 -25.34 -19.49 12.33
N LEU A 29 -26.01 -19.61 11.20
CA LEU A 29 -25.30 -19.68 9.92
C LEU A 29 -24.48 -18.42 9.66
N ALA A 30 -24.97 -17.26 10.11
CA ALA A 30 -24.30 -16.01 9.81
C ALA A 30 -23.00 -15.84 10.58
N ASN A 31 -22.69 -16.73 11.52
CA ASN A 31 -21.45 -16.66 12.30
C ASN A 31 -20.26 -17.31 11.61
N TYR A 32 -20.47 -18.02 10.50
CA TYR A 32 -19.42 -18.82 9.86
C TYR A 32 -19.60 -18.81 8.35
N TYR A 33 -18.51 -18.59 7.62
CA TYR A 33 -18.55 -18.50 6.16
C TYR A 33 -19.02 -19.81 5.53
N VAL A 34 -19.73 -19.68 4.40
CA VAL A 34 -20.23 -20.81 3.63
C VAL A 34 -19.50 -20.87 2.29
N GLN A 35 -19.05 -22.07 1.92
CA GLN A 35 -18.41 -22.35 0.65
C GLN A 35 -19.29 -23.28 -0.18
N TRP A 36 -19.09 -23.24 -1.50
CA TRP A 36 -19.78 -24.10 -2.45
C TRP A 36 -18.76 -24.73 -3.40
N TYR A 37 -18.85 -26.04 -3.60
CA TYR A 37 -17.95 -26.79 -4.47
C TYR A 37 -18.72 -27.44 -5.60
N GLN A 38 -18.14 -27.38 -6.79
CA GLN A 38 -18.61 -28.11 -7.95
C GLN A 38 -17.77 -29.37 -8.10
N GLN A 39 -18.43 -30.49 -8.38
CA GLN A 39 -17.71 -31.73 -8.67
C GLN A 39 -18.40 -32.45 -9.81
N ARG A 40 -17.72 -32.54 -10.95
CA ARG A 40 -18.16 -33.31 -12.10
C ARG A 40 -17.87 -34.80 -11.89
N PRO A 41 -18.65 -35.67 -12.52
CA PRO A 41 -18.43 -37.13 -12.36
C PRO A 41 -17.02 -37.55 -12.67
N GLY A 42 -16.37 -38.23 -11.73
CA GLY A 42 -15.02 -38.73 -11.91
C GLY A 42 -13.91 -37.74 -11.65
N CYS A 43 -14.23 -36.55 -11.17
CA CYS A 43 -13.25 -35.49 -11.00
C CYS A 43 -13.08 -35.15 -9.51
N SER A 44 -12.05 -34.35 -9.23
CA SER A 44 -11.92 -33.67 -7.95
C SER A 44 -12.94 -32.54 -7.83
N PRO A 45 -13.30 -32.16 -6.62
CA PRO A 45 -14.13 -30.96 -6.44
C PRO A 45 -13.33 -29.72 -6.74
N THR A 46 -14.03 -28.64 -7.05
CA THR A 46 -13.41 -27.34 -7.24
C THR A 46 -14.30 -26.26 -6.65
N ILE A 47 -13.67 -25.21 -6.15
CA ILE A 47 -14.39 -24.13 -5.49
C ILE A 47 -15.12 -23.29 -6.53
N VAL A 48 -16.34 -22.90 -6.22
CA VAL A 48 -17.06 -21.94 -7.07
C VAL A 48 -17.44 -20.70 -6.28
N ILE A 49 -17.69 -20.84 -4.97
CA ILE A 49 -18.00 -19.69 -4.11
C ILE A 49 -17.35 -19.93 -2.75
N PHE A 50 -16.60 -18.94 -2.25
CA PHE A 50 -16.11 -19.03 -0.89
C PHE A 50 -16.50 -17.75 -0.15
N ALA A 51 -16.51 -17.85 1.18
CA ALA A 51 -16.87 -16.74 2.06
C ALA A 51 -18.22 -16.15 1.69
N ASN A 52 -19.22 -17.04 1.53
CA ASN A 52 -20.62 -16.70 1.28
C ASN A 52 -20.85 -16.26 -0.15
N ASN A 53 -20.01 -15.33 -0.65
CA ASN A 53 -20.28 -14.72 -1.94
C ASN A 53 -19.04 -14.35 -2.75
N GLN A 54 -17.85 -14.84 -2.41
CA GLN A 54 -16.65 -14.49 -3.17
C GLN A 54 -16.46 -15.48 -4.32
N ARG A 55 -16.09 -14.95 -5.49
CA ARG A 55 -15.91 -15.77 -6.68
C ARG A 55 -14.44 -15.81 -7.04
N PRO A 56 -13.80 -16.97 -7.06
CA PRO A 56 -12.39 -17.04 -7.47
C PRO A 56 -12.23 -16.66 -8.93
N SER A 57 -10.99 -16.34 -9.30
CA SER A 57 -10.65 -16.11 -10.70
C SER A 57 -10.89 -17.37 -11.50
N GLY A 58 -11.50 -17.23 -12.67
CA GLY A 58 -11.79 -18.38 -13.52
C GLY A 58 -13.18 -18.95 -13.37
N VAL A 59 -13.91 -18.58 -12.33
CA VAL A 59 -15.28 -19.05 -12.16
C VAL A 59 -16.20 -18.08 -12.89
N PRO A 60 -17.04 -18.56 -13.80
CA PRO A 60 -17.90 -17.63 -14.56
C PRO A 60 -18.78 -16.82 -13.62
N ASP A 61 -19.09 -15.59 -14.03
CA ASP A 61 -19.86 -14.70 -13.14
C ASP A 61 -21.33 -15.03 -13.07
N ARG A 62 -21.81 -16.00 -13.85
CA ARG A 62 -23.16 -16.48 -13.62
C ARG A 62 -23.33 -17.19 -12.28
N PHE A 63 -22.23 -17.53 -11.58
CA PHE A 63 -22.31 -18.12 -10.25
C PHE A 63 -22.29 -17.02 -9.19
N SER A 64 -23.25 -17.08 -8.27
CA SER A 64 -23.26 -16.15 -7.14
C SER A 64 -23.77 -16.85 -5.88
N GLY A 65 -23.37 -16.33 -4.73
CA GLY A 65 -23.77 -16.89 -3.46
C GLY A 65 -24.37 -15.84 -2.55
N SER A 66 -25.21 -16.30 -1.64
CA SER A 66 -25.84 -15.42 -0.66
C SER A 66 -26.18 -16.23 0.59
N ILE A 67 -26.53 -15.51 1.65
CA ILE A 67 -26.99 -16.15 2.87
C ILE A 67 -28.29 -15.48 3.32
N ASP A 68 -29.12 -16.24 4.01
CA ASP A 68 -30.36 -15.72 4.59
C ASP A 68 -30.33 -16.10 6.06
N SER A 69 -29.95 -15.14 6.90
CA SER A 69 -29.74 -15.43 8.32
C SER A 69 -31.03 -15.87 9.02
N SER A 70 -32.18 -15.35 8.59
CA SER A 70 -33.41 -15.64 9.33
C SER A 70 -33.88 -17.07 9.07
N SER A 71 -33.62 -17.61 7.89
CA SER A 71 -33.94 -19.01 7.64
C SER A 71 -32.74 -19.92 7.89
N ASN A 72 -31.62 -19.37 8.34
CA ASN A 72 -30.40 -20.12 8.63
C ASN A 72 -29.91 -20.91 7.41
N SER A 73 -29.90 -20.24 6.27
CA SER A 73 -29.64 -20.95 5.02
C SER A 73 -28.74 -20.13 4.11
N ALA A 74 -28.06 -20.83 3.22
CA ALA A 74 -27.23 -20.23 2.20
C ALA A 74 -27.70 -20.73 0.85
N SER A 75 -27.37 -19.98 -0.21
CA SER A 75 -27.85 -20.32 -1.54
C SER A 75 -26.79 -20.08 -2.59
N LEU A 76 -26.71 -21.02 -3.52
CA LEU A 76 -25.92 -20.88 -4.74
C LEU A 76 -26.90 -20.61 -5.87
N THR A 77 -26.64 -19.55 -6.63
CA THR A 77 -27.50 -19.21 -7.76
C THR A 77 -26.70 -19.25 -9.04
N ILE A 78 -27.22 -19.96 -10.03
CA ILE A 78 -26.62 -20.05 -11.35
C ILE A 78 -27.59 -19.43 -12.34
N SER A 79 -27.22 -18.29 -12.89
CA SER A 79 -28.00 -17.67 -13.97
C SER A 79 -27.51 -18.21 -15.31
N GLY A 80 -28.36 -18.11 -16.32
CA GLY A 80 -27.95 -18.49 -17.68
C GLY A 80 -27.36 -19.87 -17.79
N LEU A 81 -28.07 -20.86 -17.26
CA LEU A 81 -27.54 -22.21 -17.15
C LEU A 81 -26.99 -22.72 -18.47
N LYS A 82 -25.80 -23.29 -18.42
CA LYS A 82 -25.21 -23.98 -19.55
C LYS A 82 -25.11 -25.46 -19.23
N THR A 83 -25.08 -26.27 -20.28
CA THR A 83 -24.99 -27.71 -20.06
C THR A 83 -23.74 -28.08 -19.26
N GLU A 84 -22.65 -27.31 -19.39
CA GLU A 84 -21.46 -27.65 -18.62
C GLU A 84 -21.65 -27.42 -17.13
N ASP A 85 -22.74 -26.77 -16.71
CA ASP A 85 -23.00 -26.62 -15.29
C ASP A 85 -23.56 -27.87 -14.63
N GLU A 86 -23.97 -28.85 -15.42
CA GLU A 86 -24.44 -30.12 -14.87
C GLU A 86 -23.34 -30.77 -14.05
N ALA A 87 -23.60 -30.98 -12.78
CA ALA A 87 -22.59 -31.46 -11.85
C ALA A 87 -23.22 -31.62 -10.48
N ASP A 88 -22.44 -32.08 -9.51
CA ASP A 88 -22.85 -32.15 -8.11
C ASP A 88 -22.29 -30.94 -7.36
N TYR A 89 -23.15 -30.19 -6.68
CA TYR A 89 -22.72 -29.00 -5.93
C TYR A 89 -22.85 -29.25 -4.42
N TYR A 90 -21.76 -29.01 -3.69
CA TYR A 90 -21.70 -29.23 -2.25
C TYR A 90 -21.58 -27.90 -1.50
N CYS A 91 -22.43 -27.69 -0.51
CA CYS A 91 -22.21 -26.60 0.44
C CYS A 91 -21.34 -27.08 1.60
N GLN A 92 -20.67 -26.13 2.23
CA GLN A 92 -19.79 -26.46 3.34
C GLN A 92 -19.66 -25.26 4.27
N THR A 93 -19.70 -25.52 5.57
CA THR A 93 -19.35 -24.48 6.53
C THR A 93 -18.75 -25.16 7.77
N TYR A 94 -18.68 -24.43 8.88
CA TYR A 94 -17.90 -24.90 10.01
C TYR A 94 -18.45 -24.29 11.30
N ASP A 95 -17.88 -24.72 12.44
CA ASP A 95 -18.05 -24.08 13.74
C ASP A 95 -16.65 -24.05 14.38
N PRO A 96 -16.45 -23.65 15.65
CA PRO A 96 -15.07 -23.57 16.17
C PRO A 96 -14.32 -24.90 16.15
N TYR A 97 -15.01 -26.04 16.13
CA TYR A 97 -14.32 -27.31 16.27
C TYR A 97 -14.45 -28.27 15.10
N SER A 98 -15.37 -28.04 14.17
CA SER A 98 -15.65 -29.03 13.14
C SER A 98 -15.99 -28.34 11.82
N VAL A 99 -15.84 -29.10 10.74
CA VAL A 99 -16.17 -28.69 9.39
C VAL A 99 -17.23 -29.65 8.87
N VAL A 100 -18.23 -29.13 8.15
CA VAL A 100 -19.33 -29.97 7.67
C VAL A 100 -19.60 -29.68 6.21
N PHE A 101 -19.77 -30.74 5.42
CA PHE A 101 -20.26 -30.68 4.06
C PHE A 101 -21.72 -31.10 4.01
N GLY A 102 -22.50 -30.47 3.13
CA GLY A 102 -23.81 -31.00 2.78
C GLY A 102 -23.72 -32.31 2.01
N GLY A 103 -24.88 -32.93 1.81
CA GLY A 103 -24.91 -34.19 1.09
C GLY A 103 -24.63 -34.09 -0.40
N GLY A 104 -24.60 -32.87 -0.95
CA GLY A 104 -24.42 -32.70 -2.40
C GLY A 104 -25.75 -32.66 -3.12
N THR A 105 -25.90 -31.69 -4.03
CA THR A 105 -27.09 -31.57 -4.86
C THR A 105 -26.66 -31.80 -6.30
N LYS A 106 -27.23 -32.83 -6.94
CA LYS A 106 -26.96 -33.13 -8.34
C LYS A 106 -27.87 -32.30 -9.23
N LEU A 107 -27.28 -31.42 -10.02
CA LEU A 107 -28.02 -30.53 -10.89
C LEU A 107 -28.08 -31.15 -12.29
N THR A 108 -29.30 -31.32 -12.79
CA THR A 108 -29.51 -31.76 -14.17
C THR A 108 -29.91 -30.55 -15.01
N VAL A 109 -29.18 -30.32 -16.09
CA VAL A 109 -29.53 -29.31 -17.08
C VAL A 109 -30.33 -30.01 -18.19
N LEU A 110 -31.64 -29.77 -18.21
CA LEU A 110 -32.55 -30.43 -19.14
C LEU A 110 -32.21 -30.12 -20.60
N GLY A 111 -32.57 -31.03 -21.50
CA GLY A 111 -32.14 -30.97 -22.88
C GLY A 111 -31.04 -31.94 -23.25
N GLY A 112 -30.47 -32.64 -22.27
CA GLY A 112 -29.55 -33.75 -22.50
C GLY A 112 -28.10 -33.40 -22.71
N SER A 113 -27.75 -32.83 -23.86
CA SER A 113 -26.35 -32.57 -24.18
C SER A 113 -26.24 -31.24 -24.93
N GLY A 114 -25.02 -30.90 -25.31
CA GLY A 114 -24.71 -29.64 -25.93
C GLY A 114 -23.57 -28.92 -25.22
N GLY A 115 -22.61 -29.72 -24.75
CA GLY A 115 -21.52 -29.21 -23.94
C GLY A 115 -20.89 -30.35 -23.16
N SER A 116 -19.99 -29.98 -22.25
CA SER A 116 -19.28 -30.98 -21.45
C SER A 116 -18.77 -30.38 -20.15
N GLY A 117 -17.48 -30.04 -20.12
CA GLY A 117 -16.86 -29.48 -18.93
C GLY A 117 -15.40 -29.84 -18.77
N GLY A 118 -15.13 -31.09 -18.41
CA GLY A 118 -13.77 -31.54 -18.18
C GLY A 118 -13.36 -31.45 -16.72
N CYS A 119 -12.26 -32.23 -16.35
CA CYS A 119 -11.93 -32.16 -14.93
C CYS A 119 -10.96 -31.01 -14.64
N PRO A 120 -10.98 -30.51 -13.41
CA PRO A 120 -9.98 -29.51 -12.98
C PRO A 120 -8.61 -30.14 -12.82
N PRO A 121 -7.57 -29.35 -12.58
CA PRO A 121 -6.27 -29.91 -12.23
C PRO A 121 -6.13 -30.20 -10.74
N CYS A 122 -5.11 -31.01 -10.42
CA CYS A 122 -4.79 -31.32 -9.03
C CYS A 122 -4.12 -30.12 -8.37
N GLY A 123 -4.67 -29.70 -7.23
CA GLY A 123 -4.26 -28.45 -6.59
C GLY A 123 -5.16 -27.27 -6.87
N SER A 124 -6.22 -27.45 -7.67
CA SER A 124 -7.23 -26.43 -7.96
C SER A 124 -6.69 -25.25 -8.77
N GLY A 125 -5.49 -25.34 -9.32
CA GLY A 125 -5.00 -24.36 -10.27
C GLY A 125 -3.86 -23.50 -9.72
N GLY A 126 -3.32 -22.68 -10.63
CA GLY A 126 -2.22 -21.80 -10.29
C GLY A 126 -0.93 -22.57 -10.04
N GLU A 127 -0.18 -22.08 -9.06
CA GLU A 127 1.07 -22.71 -8.66
C GLU A 127 0.88 -23.64 -7.46
N VAL A 128 -0.33 -23.72 -6.91
CA VAL A 128 -0.58 -24.52 -5.73
C VAL A 128 -0.58 -26.00 -6.12
N GLN A 129 0.29 -26.78 -5.50
CA GLN A 129 0.38 -28.20 -5.77
C GLN A 129 0.22 -28.95 -4.46
N LEU A 130 -0.65 -29.95 -4.48
CA LEU A 130 -0.91 -30.83 -3.34
C LEU A 130 -0.94 -32.24 -3.88
N LEU A 131 0.06 -33.05 -3.51
CA LEU A 131 0.21 -34.40 -4.04
C LEU A 131 0.11 -35.39 -2.90
N GLU A 132 -1.00 -36.12 -2.85
CA GLU A 132 -1.23 -37.13 -1.82
C GLU A 132 -0.55 -38.43 -2.18
N SER A 133 -0.21 -39.21 -1.16
CA SER A 133 0.28 -40.56 -1.36
C SER A 133 0.17 -41.32 -0.05
N GLY A 134 0.38 -42.64 -0.16
CA GLY A 134 0.31 -43.55 0.96
C GLY A 134 -0.90 -44.46 0.94
N GLY A 135 -1.87 -44.22 0.07
CA GLY A 135 -3.05 -45.07 0.04
C GLY A 135 -2.72 -46.49 -0.40
N GLY A 136 -3.54 -47.42 0.05
CA GLY A 136 -3.38 -48.83 -0.28
C GLY A 136 -4.47 -49.66 0.36
N LEU A 137 -4.36 -50.97 0.19
CA LEU A 137 -5.30 -51.92 0.77
C LEU A 137 -4.79 -52.39 2.12
N VAL A 138 -5.70 -52.48 3.08
CA VAL A 138 -5.34 -52.86 4.44
C VAL A 138 -6.46 -53.70 5.04
N GLN A 139 -6.10 -54.50 6.04
CA GLN A 139 -7.06 -55.30 6.78
C GLN A 139 -7.72 -54.46 7.87
N PRO A 140 -8.94 -54.80 8.27
CA PRO A 140 -9.56 -54.13 9.42
C PRO A 140 -8.68 -54.28 10.65
N GLY A 141 -8.58 -53.19 11.42
CA GLY A 141 -7.63 -53.11 12.50
C GLY A 141 -6.24 -52.70 12.07
N GLY A 142 -5.98 -52.59 10.77
CA GLY A 142 -4.68 -52.20 10.31
C GLY A 142 -4.42 -50.70 10.40
N SER A 143 -3.26 -50.31 9.88
CA SER A 143 -2.76 -48.95 9.95
C SER A 143 -2.23 -48.53 8.59
N LEU A 144 -2.30 -47.23 8.33
CA LEU A 144 -1.81 -46.62 7.11
C LEU A 144 -1.45 -45.17 7.45
N ARG A 145 -0.38 -44.65 6.85
CA ARG A 145 -0.05 -43.24 7.00
C ARG A 145 -0.07 -42.58 5.63
N LEU A 146 -0.94 -41.59 5.48
CA LEU A 146 -1.00 -40.77 4.26
C LEU A 146 -0.11 -39.55 4.41
N SER A 147 0.42 -39.09 3.29
CA SER A 147 1.19 -37.88 3.29
C SER A 147 0.70 -36.98 2.16
N CYS A 148 0.86 -35.67 2.35
CA CYS A 148 0.53 -34.70 1.32
C CYS A 148 1.71 -33.74 1.19
N ALA A 149 2.30 -33.72 -0.01
CA ALA A 149 3.43 -32.87 -0.33
C ALA A 149 2.91 -31.61 -1.01
N ALA A 150 3.21 -30.45 -0.42
CA ALA A 150 2.69 -29.18 -0.87
C ALA A 150 3.78 -28.34 -1.53
N SER A 151 3.43 -27.63 -2.58
CA SER A 151 4.37 -26.67 -3.16
C SER A 151 3.60 -25.52 -3.78
N GLY A 152 4.29 -24.40 -3.94
CA GLY A 152 3.69 -23.23 -4.55
C GLY A 152 3.09 -22.23 -3.59
N PHE A 153 3.36 -22.34 -2.29
CA PHE A 153 2.82 -21.39 -1.33
C PHE A 153 3.57 -21.54 -0.02
N GLY A 154 3.45 -20.51 0.82
CA GLY A 154 4.03 -20.58 2.14
C GLY A 154 3.27 -21.54 3.04
N PHE A 155 3.77 -22.78 3.12
CA PHE A 155 3.02 -23.89 3.70
C PHE A 155 2.68 -23.65 5.17
N SER A 156 3.61 -23.12 5.96
CA SER A 156 3.33 -22.93 7.38
C SER A 156 2.33 -21.81 7.66
N SER A 157 1.95 -21.03 6.65
CA SER A 157 0.93 -19.99 6.80
C SER A 157 -0.48 -20.49 6.52
N TYR A 158 -0.69 -21.78 6.30
CA TYR A 158 -2.00 -22.26 5.86
C TYR A 158 -2.49 -23.41 6.72
N ALA A 159 -3.67 -23.24 7.30
CA ALA A 159 -4.39 -24.38 7.82
C ALA A 159 -4.63 -25.37 6.69
N MET A 160 -4.61 -26.65 7.04
CA MET A 160 -4.77 -27.75 6.08
C MET A 160 -5.80 -28.74 6.61
N SER A 161 -6.35 -29.55 5.72
CA SER A 161 -7.36 -30.51 6.16
C SER A 161 -7.34 -31.75 5.28
N TRP A 162 -7.98 -32.80 5.79
CA TRP A 162 -8.21 -34.03 5.04
C TRP A 162 -9.70 -34.21 4.89
N VAL A 163 -10.13 -34.50 3.66
CA VAL A 163 -11.53 -34.76 3.34
C VAL A 163 -11.53 -36.05 2.53
N ARG A 164 -12.54 -36.88 2.74
CA ARG A 164 -12.60 -38.18 2.05
C ARG A 164 -13.93 -38.35 1.33
N GLN A 165 -13.93 -39.21 0.32
CA GLN A 165 -15.11 -39.48 -0.48
C GLN A 165 -15.09 -40.94 -0.95
N ALA A 166 -16.01 -41.76 -0.46
CA ALA A 166 -16.14 -43.10 -1.04
C ALA A 166 -16.72 -42.98 -2.44
N PRO A 167 -16.19 -43.73 -3.41
CA PRO A 167 -16.70 -43.67 -4.78
C PRO A 167 -18.22 -43.79 -4.85
N GLY A 168 -18.84 -42.82 -5.53
CA GLY A 168 -20.28 -42.76 -5.60
C GLY A 168 -20.99 -42.17 -4.39
N LYS A 169 -20.25 -41.68 -3.40
CA LYS A 169 -20.89 -41.10 -2.21
C LYS A 169 -20.45 -39.63 -2.06
N GLY A 170 -20.83 -39.02 -0.93
CA GLY A 170 -20.58 -37.60 -0.74
C GLY A 170 -19.22 -37.26 -0.11
N LEU A 171 -18.94 -35.95 -0.05
CA LEU A 171 -17.78 -35.46 0.70
C LEU A 171 -18.00 -35.58 2.20
N GLU A 172 -16.96 -36.03 2.91
CA GLU A 172 -16.99 -36.13 4.36
C GLU A 172 -15.69 -35.58 4.92
N TRP A 173 -15.79 -34.50 5.69
CA TRP A 173 -14.62 -33.93 6.37
C TRP A 173 -14.05 -34.91 7.39
N VAL A 174 -12.71 -35.02 7.39
CA VAL A 174 -11.99 -35.93 8.27
C VAL A 174 -11.29 -35.19 9.41
N SER A 175 -10.42 -34.24 9.07
CA SER A 175 -9.49 -33.71 10.04
C SER A 175 -8.94 -32.39 9.55
N ALA A 176 -8.44 -31.58 10.48
CA ALA A 176 -7.87 -30.28 10.14
C ALA A 176 -6.78 -29.94 11.14
N ILE A 177 -5.85 -29.07 10.71
CA ILE A 177 -4.72 -28.66 11.54
C ILE A 177 -4.34 -27.23 11.16
N SER A 178 -3.99 -26.43 12.17
CA SER A 178 -3.58 -25.05 11.96
C SER A 178 -2.20 -24.98 11.29
N GLY A 179 -1.87 -23.80 10.78
CA GLY A 179 -0.60 -23.61 10.10
C GLY A 179 0.59 -24.01 10.95
N SER A 180 0.58 -23.65 12.23
CA SER A 180 1.69 -23.98 13.12
C SER A 180 1.65 -25.41 13.63
N GLY A 181 0.53 -26.12 13.46
CA GLY A 181 0.40 -27.45 14.01
C GLY A 181 -0.05 -27.50 15.45
N GLY A 182 -0.32 -26.36 16.09
CA GLY A 182 -0.71 -26.34 17.48
C GLY A 182 -2.16 -26.69 17.75
N SER A 183 -3.02 -26.65 16.74
CA SER A 183 -4.44 -26.93 16.91
C SER A 183 -4.83 -28.00 15.90
N THR A 184 -5.54 -29.02 16.37
CA THR A 184 -6.02 -30.09 15.52
C THR A 184 -7.51 -30.31 15.77
N TYR A 185 -8.21 -30.77 14.73
CA TYR A 185 -9.65 -30.95 14.78
C TYR A 185 -9.98 -32.27 14.08
N TYR A 186 -11.01 -32.95 14.57
CA TYR A 186 -11.34 -34.30 14.12
C TYR A 186 -12.84 -34.51 13.99
N ALA A 187 -13.26 -35.17 12.92
CA ALA A 187 -14.62 -35.69 12.87
C ALA A 187 -14.79 -36.75 13.96
N ASP A 188 -16.00 -36.81 14.52
CA ASP A 188 -16.27 -37.71 15.65
C ASP A 188 -15.92 -39.18 15.34
N SER A 189 -16.21 -39.65 14.14
CA SER A 189 -16.03 -41.08 13.87
C SER A 189 -14.57 -41.46 13.71
N VAL A 190 -13.64 -40.50 13.72
CA VAL A 190 -12.23 -40.83 13.58
C VAL A 190 -11.44 -40.48 14.81
N LYS A 191 -12.05 -39.85 15.81
CA LYS A 191 -11.33 -39.47 17.03
C LYS A 191 -10.80 -40.71 17.71
N GLY A 192 -9.53 -40.66 18.11
CA GLY A 192 -8.93 -41.79 18.77
C GLY A 192 -8.36 -42.81 17.83
N ARG A 193 -8.62 -42.70 16.53
CA ARG A 193 -8.05 -43.58 15.54
C ARG A 193 -7.12 -42.88 14.58
N PHE A 194 -7.45 -41.67 14.13
CA PHE A 194 -6.64 -40.89 13.19
C PHE A 194 -5.90 -39.78 13.93
N THR A 195 -4.70 -39.46 13.45
CA THR A 195 -3.89 -38.36 13.98
C THR A 195 -3.40 -37.54 12.80
N ILE A 196 -3.71 -36.24 12.81
CA ILE A 196 -3.22 -35.33 11.78
C ILE A 196 -1.98 -34.65 12.31
N SER A 197 -0.99 -34.46 11.45
CA SER A 197 0.23 -33.75 11.86
C SER A 197 0.84 -33.12 10.63
N ARG A 198 1.84 -32.28 10.86
CA ARG A 198 2.52 -31.66 9.72
C ARG A 198 3.99 -31.47 10.05
N ASP A 199 4.79 -31.44 8.99
CA ASP A 199 6.22 -31.13 9.10
C ASP A 199 6.47 -29.90 8.23
N ASN A 200 6.52 -28.72 8.86
CA ASN A 200 6.57 -27.49 8.06
C ASN A 200 7.91 -27.30 7.36
N SER A 201 9.00 -27.84 7.92
CA SER A 201 10.28 -27.71 7.22
C SER A 201 10.34 -28.59 5.98
N LYS A 202 9.50 -29.61 5.89
CA LYS A 202 9.43 -30.48 4.71
C LYS A 202 8.18 -30.24 3.87
N ASN A 203 7.37 -29.22 4.17
CA ASN A 203 6.18 -28.90 3.39
C ASN A 203 5.25 -30.11 3.25
N THR A 204 5.05 -30.82 4.35
CA THR A 204 4.32 -32.07 4.28
C THR A 204 3.23 -32.15 5.35
N LEU A 205 2.06 -32.65 4.94
CA LEU A 205 0.93 -32.93 5.81
C LEU A 205 0.75 -34.44 5.95
N TYR A 206 0.43 -34.90 7.15
CA TYR A 206 0.31 -36.33 7.42
C TYR A 206 -1.08 -36.66 7.97
N LEU A 207 -1.50 -37.89 7.74
CA LEU A 207 -2.67 -38.44 8.42
C LEU A 207 -2.32 -39.87 8.83
N GLN A 208 -2.17 -40.10 10.13
CA GLN A 208 -1.91 -41.44 10.65
C GLN A 208 -3.26 -42.10 10.91
N MET A 209 -3.53 -43.22 10.25
CA MET A 209 -4.82 -43.91 10.38
C MET A 209 -4.59 -45.24 11.10
N ASN A 210 -5.00 -45.31 12.37
CA ASN A 210 -4.95 -46.56 13.13
C ASN A 210 -6.35 -47.14 13.25
N SER A 211 -6.44 -48.40 13.71
CA SER A 211 -7.71 -49.10 13.92
C SER A 211 -8.64 -48.95 12.71
N LEU A 212 -8.12 -49.21 11.52
CA LEU A 212 -8.90 -48.94 10.31
C LEU A 212 -10.17 -49.78 10.26
N ARG A 213 -11.24 -49.18 9.72
CA ARG A 213 -12.53 -49.85 9.56
C ARG A 213 -12.94 -49.91 8.10
N ALA A 214 -13.81 -50.87 7.80
CA ALA A 214 -14.33 -51.01 6.44
C ALA A 214 -14.95 -49.69 5.96
N GLU A 215 -15.68 -49.00 6.84
CA GLU A 215 -16.31 -47.72 6.54
C GLU A 215 -15.31 -46.60 6.27
N ASP A 216 -14.03 -46.82 6.53
CA ASP A 216 -12.99 -45.83 6.26
C ASP A 216 -12.55 -45.84 4.80
N THR A 217 -13.10 -46.76 3.98
CA THR A 217 -12.76 -46.87 2.57
C THR A 217 -13.26 -45.67 1.79
N ALA A 218 -12.37 -45.04 1.02
CA ALA A 218 -12.60 -43.72 0.44
C ALA A 218 -11.36 -43.25 -0.33
N VAL A 219 -11.58 -42.32 -1.25
CA VAL A 219 -10.53 -41.44 -1.75
C VAL A 219 -10.33 -40.31 -0.74
N TYR A 220 -9.08 -40.11 -0.29
CA TYR A 220 -8.72 -39.14 0.74
C TYR A 220 -8.04 -37.96 0.07
N TYR A 221 -8.57 -36.76 0.29
CA TYR A 221 -8.05 -35.54 -0.32
C TYR A 221 -7.34 -34.67 0.70
N CYS A 222 -6.24 -34.12 0.27
CA CYS A 222 -5.54 -33.04 0.94
C CYS A 222 -6.16 -31.71 0.50
N ALA A 223 -6.22 -30.74 1.41
CA ALA A 223 -6.91 -29.49 1.12
C ALA A 223 -6.23 -28.33 1.83
N ARG A 224 -6.05 -27.22 1.11
CA ARG A 224 -5.52 -26.00 1.70
C ARG A 224 -6.65 -25.04 2.03
N ASP A 225 -6.68 -24.56 3.28
CA ASP A 225 -7.73 -23.71 3.81
C ASP A 225 -7.21 -22.28 4.06
N LEU A 226 -8.02 -21.27 3.71
CA LEU A 226 -7.61 -19.87 3.94
C LEU A 226 -7.71 -19.50 5.42
N ILE A 227 -8.76 -19.96 6.08
CA ILE A 227 -8.88 -19.99 7.53
C ILE A 227 -9.52 -21.34 7.84
N HIS A 228 -9.61 -21.66 9.12
CA HIS A 228 -10.31 -22.86 9.55
C HIS A 228 -11.70 -22.93 8.92
N GLY A 229 -11.95 -24.00 8.17
CA GLY A 229 -13.27 -24.22 7.61
C GLY A 229 -13.52 -23.65 6.23
N VAL A 230 -12.55 -22.97 5.62
CA VAL A 230 -12.75 -22.33 4.33
C VAL A 230 -11.71 -22.91 3.37
N THR A 231 -12.09 -23.98 2.66
CA THR A 231 -11.20 -24.70 1.76
C THR A 231 -11.07 -23.99 0.42
N ARG A 232 -9.83 -23.75 0.00
CA ARG A 232 -9.58 -23.07 -1.27
C ARG A 232 -9.02 -23.98 -2.36
N ASN A 233 -8.25 -25.01 -2.02
CA ASN A 233 -7.59 -25.85 -3.02
C ASN A 233 -7.64 -27.31 -2.58
N TRP A 234 -7.77 -28.20 -3.58
CA TRP A 234 -7.93 -29.64 -3.39
C TRP A 234 -6.82 -30.40 -4.11
N GLY A 235 -6.30 -31.46 -3.47
CA GLY A 235 -5.48 -32.43 -4.16
C GLY A 235 -6.29 -33.36 -5.04
N CYS A 236 -5.62 -34.35 -5.61
CA CYS A 236 -6.33 -35.31 -6.46
C CYS A 236 -6.67 -36.61 -5.76
N GLY A 237 -6.18 -36.84 -4.55
CA GLY A 237 -6.69 -37.94 -3.75
C GLY A 237 -5.84 -39.20 -3.85
N THR A 238 -5.84 -39.96 -2.77
CA THR A 238 -5.22 -41.27 -2.72
C THR A 238 -6.26 -42.24 -2.15
N LEU A 239 -6.26 -43.46 -2.65
CA LEU A 239 -7.35 -44.40 -2.36
C LEU A 239 -6.97 -45.29 -1.18
N VAL A 240 -7.85 -45.37 -0.20
CA VAL A 240 -7.66 -46.25 0.95
C VAL A 240 -8.79 -47.28 0.95
N THR A 241 -8.43 -48.56 0.85
CA THR A 241 -9.39 -49.64 0.93
C THR A 241 -9.12 -50.48 2.17
N VAL A 242 -10.16 -50.68 2.97
CA VAL A 242 -10.11 -51.50 4.17
C VAL A 242 -11.06 -52.68 3.96
N SER A 243 -10.50 -53.89 3.96
CA SER A 243 -11.30 -55.07 3.68
C SER A 243 -10.69 -56.27 4.40
N SER A 244 -11.55 -57.19 4.81
CA SER A 244 -11.15 -58.42 5.46
C SER A 244 -10.70 -59.48 4.45
N ASN B 1 -6.31 19.77 5.29
CA ASN B 1 -6.00 20.71 4.23
C ASN B 1 -7.29 21.18 3.53
N PHE B 2 -7.27 22.37 2.92
CA PHE B 2 -8.40 22.79 2.12
C PHE B 2 -8.47 21.94 0.84
N MET B 3 -9.63 21.94 0.20
CA MET B 3 -9.75 21.28 -1.08
C MET B 3 -10.20 22.28 -2.14
N LEU B 4 -9.92 21.94 -3.39
CA LEU B 4 -10.32 22.71 -4.56
C LEU B 4 -11.25 21.87 -5.41
N THR B 5 -12.44 22.41 -5.71
CA THR B 5 -13.44 21.67 -6.48
C THR B 5 -13.66 22.35 -7.82
N GLN B 6 -13.31 21.64 -8.89
CA GLN B 6 -13.60 22.00 -10.27
C GLN B 6 -14.34 20.84 -10.94
N PRO B 7 -15.14 21.10 -11.98
CA PRO B 7 -15.97 20.02 -12.54
C PRO B 7 -15.12 18.91 -13.13
N HIS B 8 -15.67 17.71 -13.11
CA HIS B 8 -14.96 16.57 -13.69
C HIS B 8 -14.75 16.77 -15.18
N SER B 9 -15.72 17.34 -15.88
CA SER B 9 -15.60 17.52 -17.31
C SER B 9 -16.52 18.63 -17.77
N VAL B 10 -16.18 19.20 -18.93
CA VAL B 10 -17.00 20.23 -19.56
C VAL B 10 -16.81 20.10 -21.07
N SER B 11 -17.86 20.43 -21.83
CA SER B 11 -17.78 20.38 -23.28
C SER B 11 -18.37 21.65 -23.89
N GLU B 12 -17.80 22.07 -25.02
CA GLU B 12 -18.14 23.32 -25.66
C GLU B 12 -17.74 23.23 -27.13
N SER B 13 -18.46 23.97 -27.99
CA SER B 13 -18.24 23.96 -29.44
C SER B 13 -17.06 24.85 -29.82
N PRO B 14 -16.44 24.59 -30.97
CA PRO B 14 -15.32 25.44 -31.40
C PRO B 14 -15.75 26.88 -31.64
N GLY B 15 -14.81 27.80 -31.44
CA GLY B 15 -15.08 29.20 -31.66
C GLY B 15 -15.84 29.92 -30.56
N LYS B 16 -16.37 29.19 -29.57
CA LYS B 16 -17.11 29.78 -28.47
C LYS B 16 -16.20 29.97 -27.27
N THR B 17 -16.74 30.65 -26.25
CA THR B 17 -16.04 30.90 -24.99
C THR B 17 -16.51 29.89 -23.94
N VAL B 18 -15.58 29.44 -23.10
CA VAL B 18 -15.91 28.52 -22.01
C VAL B 18 -15.23 29.02 -20.74
N THR B 19 -15.91 28.81 -19.62
CA THR B 19 -15.39 29.14 -18.30
C THR B 19 -15.30 27.89 -17.44
N ILE B 20 -14.17 27.70 -16.77
CA ILE B 20 -13.97 26.62 -15.82
C ILE B 20 -13.78 27.26 -14.46
N SER B 21 -14.61 26.89 -13.50
CA SER B 21 -14.54 27.48 -12.16
C SER B 21 -13.99 26.49 -11.16
N CYS B 22 -13.40 27.03 -10.10
CA CYS B 22 -12.68 26.27 -9.09
C CYS B 22 -13.00 26.88 -7.73
N THR B 23 -13.59 26.09 -6.84
CA THR B 23 -14.02 26.58 -5.53
C THR B 23 -13.11 26.07 -4.43
N ARG B 24 -12.66 26.97 -3.55
CA ARG B 24 -11.82 26.63 -2.42
C ARG B 24 -12.69 26.43 -1.19
N SER B 25 -12.50 25.29 -0.51
CA SER B 25 -13.44 24.88 0.54
C SER B 25 -13.24 25.67 1.83
N SER B 26 -12.00 26.01 2.19
CA SER B 26 -11.73 26.73 3.44
C SER B 26 -10.48 27.55 3.26
N GLY B 27 -10.34 28.56 4.12
CA GLY B 27 -9.39 29.62 3.89
C GLY B 27 -9.88 30.57 2.81
N SER B 28 -9.35 31.78 2.83
CA SER B 28 -9.77 32.81 1.89
C SER B 28 -8.99 32.68 0.58
N LEU B 29 -9.71 32.53 -0.53
CA LEU B 29 -9.04 32.30 -1.81
C LEU B 29 -8.17 33.49 -2.19
N ALA B 30 -8.63 34.71 -1.88
CA ALA B 30 -7.95 35.92 -2.31
C ALA B 30 -6.64 36.15 -1.57
N ASN B 31 -6.34 35.35 -0.53
CA ASN B 31 -5.09 35.46 0.21
C ASN B 31 -3.93 34.72 -0.46
N TYR B 32 -4.20 33.91 -1.50
CA TYR B 32 -3.17 33.06 -2.11
C TYR B 32 -3.38 32.98 -3.62
N TYR B 33 -2.31 33.16 -4.39
CA TYR B 33 -2.42 33.15 -5.84
C TYR B 33 -2.95 31.82 -6.35
N VAL B 34 -3.72 31.90 -7.45
CA VAL B 34 -4.27 30.73 -8.14
C VAL B 34 -3.56 30.57 -9.47
N GLN B 35 -3.14 29.34 -9.76
CA GLN B 35 -2.54 28.94 -11.03
C GLN B 35 -3.48 27.99 -11.76
N TRP B 36 -3.34 27.94 -13.08
CA TRP B 36 -4.08 27.03 -13.94
C TRP B 36 -3.08 26.35 -14.85
N TYR B 37 -3.14 25.03 -14.94
CA TYR B 37 -2.24 24.26 -15.78
C TYR B 37 -3.02 23.54 -16.87
N GLN B 38 -2.47 23.54 -18.09
CA GLN B 38 -2.99 22.74 -19.17
C GLN B 38 -2.17 21.46 -19.29
N GLN B 39 -2.85 20.32 -19.40
CA GLN B 39 -2.15 19.06 -19.64
C GLN B 39 -2.90 18.30 -20.72
N ARG B 40 -2.30 18.23 -21.88
CA ARG B 40 -2.78 17.45 -22.98
C ARG B 40 -2.49 15.97 -22.75
N PRO B 41 -3.32 15.07 -23.29
CA PRO B 41 -3.09 13.61 -23.12
C PRO B 41 -1.66 13.17 -23.43
N GLY B 42 -1.01 12.51 -22.48
CA GLY B 42 0.32 12.02 -22.70
C GLY B 42 1.43 13.03 -22.54
N CYS B 43 1.12 14.25 -22.12
CA CYS B 43 2.10 15.32 -22.05
C CYS B 43 2.33 15.74 -20.61
N SER B 44 3.41 16.50 -20.42
CA SER B 44 3.64 17.22 -19.18
C SER B 44 2.63 18.37 -19.06
N PRO B 45 2.32 18.79 -17.83
CA PRO B 45 1.51 20.00 -17.68
C PRO B 45 2.28 21.24 -18.07
N THR B 46 1.56 22.25 -18.50
CA THR B 46 2.20 23.54 -18.72
C THR B 46 1.25 24.63 -18.27
N ILE B 47 1.83 25.69 -17.75
CA ILE B 47 1.06 26.77 -17.14
C ILE B 47 0.44 27.61 -18.23
N VAL B 48 -0.85 27.93 -18.07
CA VAL B 48 -1.50 28.93 -18.90
C VAL B 48 -1.79 30.21 -18.13
N ILE B 49 -1.97 30.15 -16.81
CA ILE B 49 -2.24 31.31 -15.98
C ILE B 49 -1.52 31.14 -14.64
N PHE B 50 -0.78 32.15 -14.22
CA PHE B 50 -0.24 32.16 -12.88
C PHE B 50 -0.57 33.49 -12.20
N ALA B 51 -0.51 33.48 -10.88
CA ALA B 51 -0.83 34.67 -10.07
C ALA B 51 -2.21 35.24 -10.42
N ASN B 52 -3.21 34.36 -10.42
CA ASN B 52 -4.62 34.70 -10.63
C ASN B 52 -4.94 35.01 -12.09
N ASN B 53 -4.14 35.88 -12.71
CA ASN B 53 -4.50 36.37 -14.05
C ASN B 53 -3.30 36.70 -14.93
N GLN B 54 -2.08 36.26 -14.59
CA GLN B 54 -0.90 36.55 -15.41
C GLN B 54 -0.69 35.46 -16.45
N ARG B 55 -0.34 35.87 -17.66
CA ARG B 55 -0.25 34.97 -18.79
C ARG B 55 1.21 34.86 -19.21
N PRO B 56 1.79 33.67 -19.23
CA PRO B 56 3.19 33.53 -19.67
C PRO B 56 3.33 33.87 -21.15
N SER B 57 4.58 34.16 -21.52
CA SER B 57 4.92 34.36 -22.91
C SER B 57 4.65 33.09 -23.69
N GLY B 58 4.02 33.25 -24.85
CA GLY B 58 3.65 32.14 -25.70
C GLY B 58 2.22 31.67 -25.54
N VAL B 59 1.53 32.06 -24.47
CA VAL B 59 0.13 31.69 -24.27
C VAL B 59 -0.74 32.80 -24.85
N PRO B 60 -1.65 32.48 -25.77
CA PRO B 60 -2.47 33.52 -26.39
C PRO B 60 -3.43 34.16 -25.41
N ASP B 61 -3.82 35.39 -25.73
CA ASP B 61 -4.71 36.07 -24.81
C ASP B 61 -6.15 35.50 -24.86
N ARG B 62 -6.36 34.42 -25.61
CA ARG B 62 -7.62 33.69 -25.50
C ARG B 62 -7.82 33.09 -24.11
N PHE B 63 -6.74 32.91 -23.36
CA PHE B 63 -6.77 32.44 -21.98
C PHE B 63 -6.74 33.62 -21.03
N SER B 64 -7.68 33.66 -20.08
CA SER B 64 -7.64 34.66 -19.03
C SER B 64 -8.13 34.05 -17.74
N GLY B 65 -7.66 34.60 -16.63
CA GLY B 65 -8.03 34.10 -15.32
C GLY B 65 -8.55 35.22 -14.45
N SER B 66 -9.40 34.85 -13.50
CA SER B 66 -9.94 35.79 -12.53
C SER B 66 -10.26 35.03 -11.26
N ILE B 67 -10.54 35.79 -10.20
CA ILE B 67 -10.94 35.26 -8.90
C ILE B 67 -12.18 36.03 -8.45
N ASP B 68 -13.02 35.37 -7.68
CA ASP B 68 -14.23 35.96 -7.12
C ASP B 68 -14.17 35.70 -5.63
N SER B 69 -13.73 36.72 -4.88
CA SER B 69 -13.52 36.59 -3.45
C SER B 69 -14.80 36.21 -2.73
N SER B 70 -15.94 36.66 -3.25
CA SER B 70 -17.22 36.49 -2.57
C SER B 70 -17.70 35.04 -2.61
N SER B 71 -17.41 34.31 -3.68
CA SER B 71 -17.72 32.89 -3.76
C SER B 71 -16.53 32.00 -3.47
N ASN B 72 -15.37 32.58 -3.10
CA ASN B 72 -14.16 31.83 -2.80
C ASN B 72 -13.76 30.94 -3.98
N SER B 73 -13.82 31.50 -5.19
CA SER B 73 -13.63 30.71 -6.39
C SER B 73 -12.76 31.47 -7.38
N ALA B 74 -12.11 30.72 -8.27
CA ALA B 74 -11.35 31.29 -9.37
C ALA B 74 -11.87 30.67 -10.66
N SER B 75 -11.61 31.33 -11.77
CA SER B 75 -12.14 30.86 -13.05
C SER B 75 -11.10 31.04 -14.15
N LEU B 76 -11.06 30.06 -15.04
CA LEU B 76 -10.30 30.15 -16.28
C LEU B 76 -11.28 30.31 -17.43
N THR B 77 -11.03 31.30 -18.28
CA THR B 77 -11.88 31.53 -19.43
C THR B 77 -11.05 31.37 -20.69
N ILE B 78 -11.56 30.57 -21.64
CA ILE B 78 -10.94 30.37 -22.93
C ILE B 78 -11.90 30.88 -23.99
N SER B 79 -11.54 31.97 -24.64
CA SER B 79 -12.32 32.45 -25.77
C SER B 79 -11.84 31.82 -27.06
N GLY B 80 -12.72 31.84 -28.07
CA GLY B 80 -12.39 31.34 -29.40
C GLY B 80 -11.88 29.91 -29.42
N LEU B 81 -12.61 29.02 -28.77
CA LEU B 81 -12.14 27.67 -28.52
C LEU B 81 -11.68 26.98 -29.81
N LYS B 82 -10.46 26.44 -29.76
CA LYS B 82 -9.88 25.65 -30.84
C LYS B 82 -9.69 24.21 -30.38
N THR B 83 -9.66 23.29 -31.36
CA THR B 83 -9.51 21.87 -31.02
C THR B 83 -8.23 21.59 -30.23
N GLU B 84 -7.17 22.34 -30.47
CA GLU B 84 -5.96 22.10 -29.69
C GLU B 84 -6.12 22.51 -28.22
N ASP B 85 -7.20 23.20 -27.85
CA ASP B 85 -7.46 23.48 -26.45
C ASP B 85 -8.01 22.28 -25.70
N GLU B 86 -8.35 21.22 -26.41
CA GLU B 86 -8.82 20.01 -25.76
C GLU B 86 -7.72 19.47 -24.86
N ALA B 87 -8.00 19.39 -23.56
CA ALA B 87 -7.00 19.06 -22.56
C ALA B 87 -7.64 18.97 -21.19
N ASP B 88 -6.84 18.62 -20.21
CA ASP B 88 -7.23 18.60 -18.82
C ASP B 88 -6.65 19.87 -18.17
N TYR B 89 -7.51 20.67 -17.54
CA TYR B 89 -7.07 21.92 -16.91
C TYR B 89 -7.18 21.81 -15.41
N TYR B 90 -6.09 22.13 -14.71
CA TYR B 90 -6.00 22.04 -13.26
C TYR B 90 -5.85 23.43 -12.66
N CYS B 91 -6.70 23.76 -11.69
CA CYS B 91 -6.46 24.89 -10.83
C CYS B 91 -5.58 24.44 -9.68
N GLN B 92 -4.86 25.39 -9.11
CA GLN B 92 -3.93 25.08 -8.04
C GLN B 92 -3.69 26.34 -7.21
N THR B 93 -3.66 26.18 -5.88
CA THR B 93 -3.24 27.28 -5.01
C THR B 93 -2.56 26.68 -3.78
N TYR B 94 -2.47 27.45 -2.70
CA TYR B 94 -1.68 27.03 -1.56
C TYR B 94 -2.22 27.73 -0.31
N ASP B 95 -1.64 27.38 0.84
CA ASP B 95 -1.79 28.05 2.11
C ASP B 95 -0.35 28.20 2.64
N PRO B 96 -0.08 28.62 3.89
CA PRO B 96 1.32 28.82 4.29
C PRO B 96 2.20 27.59 4.19
N TYR B 97 1.64 26.39 4.16
CA TYR B 97 2.45 25.18 4.12
C TYR B 97 2.15 24.30 2.90
N SER B 98 0.89 23.92 2.70
CA SER B 98 0.56 22.92 1.69
C SER B 98 0.23 23.57 0.35
N VAL B 99 0.42 22.77 -0.70
CA VAL B 99 0.08 23.14 -2.06
C VAL B 99 -1.00 22.14 -2.47
N VAL B 100 -2.05 22.65 -3.14
CA VAL B 100 -3.21 21.82 -3.47
C VAL B 100 -3.56 22.04 -4.92
N PHE B 101 -3.76 20.95 -5.64
CA PHE B 101 -4.30 20.93 -7.00
C PHE B 101 -5.76 20.53 -6.93
N GLY B 102 -6.59 21.13 -7.79
CA GLY B 102 -7.92 20.60 -8.03
C GLY B 102 -7.86 19.25 -8.75
N GLY B 103 -9.03 18.63 -8.89
CA GLY B 103 -9.07 17.32 -9.52
C GLY B 103 -8.82 17.34 -11.02
N GLY B 104 -8.82 18.50 -11.66
CA GLY B 104 -8.69 18.52 -13.10
C GLY B 104 -10.04 18.47 -13.80
N THR B 105 -10.22 19.33 -14.81
CA THR B 105 -11.43 19.37 -15.62
C THR B 105 -11.05 18.99 -17.05
N LYS B 106 -11.62 17.92 -17.55
CA LYS B 106 -11.36 17.51 -18.91
C LYS B 106 -12.25 18.32 -19.83
N LEU B 107 -11.61 19.10 -20.72
CA LEU B 107 -12.34 19.96 -21.65
C LEU B 107 -12.45 19.26 -23.00
N THR B 108 -13.68 19.03 -23.45
CA THR B 108 -13.94 18.47 -24.77
C THR B 108 -14.40 19.58 -25.70
N VAL B 109 -13.75 19.72 -26.85
CA VAL B 109 -14.22 20.60 -27.91
C VAL B 109 -15.01 19.74 -28.87
N LEU B 110 -16.34 19.91 -28.89
CA LEU B 110 -17.18 19.04 -29.72
C LEU B 110 -16.78 19.18 -31.18
N GLY B 111 -16.98 18.10 -31.91
CA GLY B 111 -16.40 17.94 -33.22
C GLY B 111 -15.19 17.03 -33.24
N GLY B 112 -14.57 16.79 -32.08
CA GLY B 112 -13.52 15.79 -31.99
C GLY B 112 -12.15 16.28 -32.40
N SER B 113 -12.00 16.53 -33.71
CA SER B 113 -10.71 16.84 -34.30
C SER B 113 -10.89 17.97 -35.31
N GLY B 114 -9.78 18.33 -35.95
CA GLY B 114 -9.68 19.47 -36.83
C GLY B 114 -8.53 20.31 -36.35
N GLY B 115 -7.50 19.61 -35.87
CA GLY B 115 -6.38 20.22 -35.19
C GLY B 115 -5.65 19.14 -34.40
N SER B 116 -4.71 19.59 -33.56
CA SER B 116 -3.97 18.62 -32.75
C SER B 116 -3.49 19.22 -31.43
N GLY B 117 -2.31 19.85 -31.43
CA GLY B 117 -1.75 20.36 -30.20
C GLY B 117 -0.25 20.16 -30.04
N GLY B 118 0.17 19.00 -29.56
CA GLY B 118 1.57 18.76 -29.27
C GLY B 118 1.92 19.05 -27.81
N CYS B 119 3.02 18.44 -27.36
CA CYS B 119 3.43 18.58 -25.98
C CYS B 119 4.38 19.75 -25.77
N PRO B 120 4.46 20.28 -24.55
CA PRO B 120 5.46 21.30 -24.25
C PRO B 120 6.84 20.70 -24.27
N PRO B 121 7.89 21.52 -24.25
CA PRO B 121 9.26 20.98 -24.06
C PRO B 121 9.55 20.80 -22.58
N CYS B 122 10.63 20.07 -22.30
CA CYS B 122 11.02 19.85 -20.90
C CYS B 122 11.60 21.13 -20.32
N GLY B 123 11.06 21.55 -19.17
CA GLY B 123 11.37 22.84 -18.61
C GLY B 123 10.35 23.91 -18.90
N SER B 124 9.26 23.57 -19.60
CA SER B 124 8.15 24.45 -19.93
C SER B 124 8.54 25.55 -20.91
N GLY B 125 9.72 25.48 -21.49
CA GLY B 125 10.11 26.38 -22.54
C GLY B 125 11.20 27.35 -22.11
N GLY B 126 11.67 28.12 -23.09
CA GLY B 126 12.74 29.07 -22.83
C GLY B 126 14.05 28.37 -22.55
N GLU B 127 14.82 28.93 -21.63
CA GLU B 127 16.11 28.37 -21.27
C GLU B 127 16.07 27.48 -20.04
N VAL B 128 14.94 27.43 -19.33
CA VAL B 128 14.84 26.62 -18.12
C VAL B 128 14.70 25.16 -18.53
N GLN B 129 15.61 24.32 -18.03
CA GLN B 129 15.59 22.89 -18.31
C GLN B 129 15.63 22.13 -16.99
N LEU B 130 14.73 21.16 -16.85
CA LEU B 130 14.62 20.34 -15.65
C LEU B 130 14.55 18.89 -16.13
N LEU B 131 15.56 18.10 -15.80
CA LEU B 131 15.69 16.73 -16.31
C LEU B 131 15.65 15.77 -15.12
N GLU B 132 14.57 15.01 -15.03
CA GLU B 132 14.40 14.03 -13.97
C GLU B 132 15.13 12.74 -14.32
N SER B 133 15.54 12.01 -13.28
CA SER B 133 16.09 10.68 -13.47
C SER B 133 15.97 9.93 -12.15
N GLY B 134 16.18 8.61 -12.23
CA GLY B 134 16.06 7.75 -11.08
C GLY B 134 14.81 6.91 -11.07
N GLY B 135 13.87 7.16 -11.99
CA GLY B 135 12.66 6.37 -12.01
C GLY B 135 12.92 4.94 -12.42
N GLY B 136 12.07 4.04 -11.95
CA GLY B 136 12.24 2.64 -12.31
C GLY B 136 11.19 1.77 -11.64
N LEU B 137 11.41 0.47 -11.79
CA LEU B 137 10.56 -0.54 -11.16
C LEU B 137 11.16 -0.88 -9.81
N VAL B 138 10.33 -0.91 -8.78
CA VAL B 138 10.80 -1.04 -7.39
C VAL B 138 9.75 -1.83 -6.62
N GLN B 139 10.19 -2.50 -5.56
CA GLN B 139 9.23 -3.32 -4.81
C GLN B 139 8.62 -2.55 -3.64
N PRO B 140 7.40 -2.92 -3.22
CA PRO B 140 6.86 -2.35 -1.99
C PRO B 140 7.79 -2.63 -0.81
N GLY B 141 7.98 -1.62 0.03
CA GLY B 141 8.99 -1.67 1.07
C GLY B 141 10.37 -1.27 0.62
N GLY B 142 10.58 -1.06 -0.68
CA GLY B 142 11.87 -0.64 -1.20
C GLY B 142 12.10 0.87 -1.07
N SER B 143 13.22 1.31 -1.67
CA SER B 143 13.70 2.68 -1.64
C SER B 143 14.07 3.12 -3.04
N LEU B 144 13.99 4.43 -3.28
CA LEU B 144 14.36 4.98 -4.57
C LEU B 144 14.76 6.44 -4.36
N ARG B 145 15.76 6.92 -5.10
CA ARG B 145 16.12 8.33 -5.06
C ARG B 145 15.93 8.94 -6.43
N LEU B 146 15.07 9.94 -6.51
CA LEU B 146 14.92 10.69 -7.75
C LEU B 146 15.83 11.89 -7.72
N SER B 147 16.29 12.29 -8.90
CA SER B 147 17.09 13.48 -9.04
C SER B 147 16.54 14.32 -10.18
N CYS B 148 16.73 15.63 -10.08
CA CYS B 148 16.35 16.58 -11.11
C CYS B 148 17.52 17.52 -11.36
N ALA B 149 18.03 17.54 -12.59
CA ALA B 149 19.15 18.38 -12.98
C ALA B 149 18.61 19.65 -13.62
N ALA B 150 18.96 20.80 -13.04
CA ALA B 150 18.44 22.08 -13.48
C ALA B 150 19.52 22.86 -14.21
N SER B 151 19.13 23.54 -15.27
CA SER B 151 20.06 24.43 -15.95
C SER B 151 19.28 25.58 -16.55
N GLY B 152 19.98 26.69 -16.78
CA GLY B 152 19.37 27.83 -17.42
C GLY B 152 18.79 28.88 -16.49
N PHE B 153 19.11 28.84 -15.21
CA PHE B 153 18.64 29.84 -14.25
C PHE B 153 19.48 29.70 -12.99
N GLY B 154 19.39 30.70 -12.13
CA GLY B 154 20.08 30.64 -10.86
C GLY B 154 19.41 29.71 -9.86
N PHE B 155 19.90 28.47 -9.80
CA PHE B 155 19.17 27.41 -9.12
C PHE B 155 18.88 27.74 -7.66
N SER B 156 19.84 28.32 -6.94
CA SER B 156 19.66 28.56 -5.51
C SER B 156 18.66 29.68 -5.21
N SER B 157 18.21 30.42 -6.22
CA SER B 157 17.23 31.48 -6.03
C SER B 157 15.79 31.01 -6.15
N TYR B 158 15.55 29.72 -6.34
CA TYR B 158 14.21 29.23 -6.67
C TYR B 158 13.80 28.11 -5.74
N ALA B 159 12.67 28.29 -5.08
CA ALA B 159 12.00 27.16 -4.46
C ALA B 159 11.68 26.12 -5.52
N MET B 160 11.74 24.85 -5.13
CA MET B 160 11.51 23.72 -6.02
C MET B 160 10.49 22.78 -5.39
N SER B 161 9.85 21.96 -6.23
CA SER B 161 8.84 21.05 -5.73
C SER B 161 8.78 19.77 -6.57
N TRP B 162 8.15 18.77 -5.99
CA TRP B 162 7.85 17.51 -6.67
C TRP B 162 6.34 17.33 -6.71
N VAL B 163 5.83 16.99 -7.88
CA VAL B 163 4.41 16.74 -8.11
C VAL B 163 4.33 15.41 -8.85
N ARG B 164 3.33 14.59 -8.52
CA ARG B 164 3.21 13.26 -9.10
C ARG B 164 1.81 13.02 -9.65
N GLN B 165 1.71 12.05 -10.54
CA GLN B 165 0.44 11.73 -11.18
C GLN B 165 0.33 10.21 -11.27
N ALA B 166 -0.52 9.64 -10.43
CA ALA B 166 -0.81 8.23 -10.50
C ALA B 166 -1.59 7.94 -11.78
N PRO B 167 -1.37 6.74 -12.37
CA PRO B 167 -2.07 6.40 -13.62
C PRO B 167 -3.56 6.70 -13.59
N GLY B 168 -4.01 7.48 -14.55
CA GLY B 168 -5.41 7.80 -14.64
C GLY B 168 -5.90 8.80 -13.62
N LYS B 169 -5.03 9.37 -12.81
CA LYS B 169 -5.47 10.26 -11.75
C LYS B 169 -4.95 11.69 -12.00
N GLY B 170 -5.25 12.58 -11.07
CA GLY B 170 -4.89 13.97 -11.21
C GLY B 170 -3.52 14.28 -10.63
N LEU B 171 -3.11 15.53 -10.83
CA LEU B 171 -1.86 16.00 -10.25
C LEU B 171 -1.96 16.04 -8.74
N GLU B 172 -0.91 15.57 -8.06
CA GLU B 172 -0.88 15.55 -6.60
C GLU B 172 0.46 16.10 -6.11
N TRP B 173 0.39 17.19 -5.35
CA TRP B 173 1.58 17.79 -4.77
C TRP B 173 2.24 16.82 -3.81
N VAL B 174 3.55 16.64 -3.95
CA VAL B 174 4.30 15.73 -3.09
C VAL B 174 5.09 16.52 -2.07
N SER B 175 5.94 17.43 -2.53
CA SER B 175 6.93 18.02 -1.62
C SER B 175 7.44 19.33 -2.18
N ALA B 176 7.99 20.17 -1.31
CA ALA B 176 8.55 21.44 -1.75
C ALA B 176 9.72 21.82 -0.86
N ILE B 177 10.63 22.62 -1.41
CA ILE B 177 11.81 23.03 -0.67
C ILE B 177 12.20 24.45 -1.09
N SER B 178 12.59 25.26 -0.12
CA SER B 178 13.01 26.63 -0.35
C SER B 178 14.37 26.67 -1.08
N GLY B 179 14.69 27.85 -1.61
CA GLY B 179 15.91 28.02 -2.38
C GLY B 179 17.16 27.63 -1.62
N SER B 180 17.24 28.00 -0.34
CA SER B 180 18.40 27.70 0.48
C SER B 180 18.39 26.27 1.03
N GLY B 181 17.25 25.57 0.96
CA GLY B 181 17.15 24.27 1.59
C GLY B 181 16.78 24.32 3.06
N GLY B 182 16.56 25.51 3.61
CA GLY B 182 16.25 25.63 5.02
C GLY B 182 14.82 25.31 5.42
N SER B 183 13.90 25.26 4.46
CA SER B 183 12.50 24.96 4.72
C SER B 183 12.03 23.86 3.76
N THR B 184 11.38 22.82 4.31
CA THR B 184 10.83 21.73 3.51
C THR B 184 9.37 21.51 3.86
N TYR B 185 8.61 21.04 2.88
CA TYR B 185 7.17 20.90 3.04
C TYR B 185 6.75 19.57 2.41
N TYR B 186 5.74 18.94 2.99
CA TYR B 186 5.36 17.58 2.61
C TYR B 186 3.85 17.40 2.56
N ALA B 187 3.39 16.68 1.54
CA ALA B 187 2.02 16.19 1.55
C ALA B 187 1.79 15.23 2.73
N ASP B 188 0.55 15.18 3.21
CA ASP B 188 0.21 14.28 4.32
C ASP B 188 0.55 12.82 3.96
N SER B 189 0.31 12.43 2.71
CA SER B 189 0.45 11.04 2.30
C SER B 189 1.90 10.58 2.17
N VAL B 190 2.88 11.49 2.24
CA VAL B 190 4.27 11.11 2.10
C VAL B 190 5.11 11.50 3.29
N LYS B 191 4.54 12.25 4.24
CA LYS B 191 5.29 12.68 5.40
C LYS B 191 5.81 11.46 6.15
N GLY B 192 7.10 11.48 6.49
CA GLY B 192 7.76 10.41 7.19
C GLY B 192 8.34 9.32 6.31
N ARG B 193 8.02 9.31 5.03
CA ARG B 193 8.55 8.34 4.08
C ARG B 193 9.45 8.93 3.03
N PHE B 194 9.13 10.14 2.54
CA PHE B 194 9.89 10.84 1.51
C PHE B 194 10.67 11.98 2.14
N THR B 195 11.84 12.28 1.57
CA THR B 195 12.69 13.38 2.02
C THR B 195 13.13 14.15 0.78
N ILE B 196 12.84 15.47 0.77
CA ILE B 196 13.28 16.37 -0.29
C ILE B 196 14.55 17.07 0.17
N SER B 197 15.52 17.21 -0.75
CA SER B 197 16.75 17.90 -0.45
C SER B 197 17.30 18.43 -1.77
N ARG B 198 18.32 19.28 -1.67
CA ARG B 198 18.92 19.86 -2.86
C ARG B 198 20.41 20.09 -2.63
N ASP B 199 21.16 20.08 -3.72
CA ASP B 199 22.58 20.42 -3.73
C ASP B 199 22.75 21.64 -4.64
N ASN B 200 22.86 22.82 -4.03
CA ASN B 200 22.87 24.05 -4.81
C ASN B 200 24.16 24.21 -5.61
N SER B 201 25.28 23.62 -5.14
CA SER B 201 26.51 23.68 -5.91
C SER B 201 26.48 22.73 -7.12
N LYS B 202 25.65 21.71 -7.12
CA LYS B 202 25.52 20.80 -8.24
C LYS B 202 24.22 21.00 -9.01
N ASN B 203 23.44 22.02 -8.65
CA ASN B 203 22.21 22.39 -9.36
C ASN B 203 21.24 21.20 -9.45
N THR B 204 21.10 20.47 -8.37
CA THR B 204 20.35 19.23 -8.44
C THR B 204 19.35 19.20 -7.30
N LEU B 205 18.15 18.75 -7.62
CA LEU B 205 17.08 18.56 -6.65
C LEU B 205 16.89 17.06 -6.43
N TYR B 206 16.70 16.66 -5.17
CA TYR B 206 16.55 15.25 -4.87
C TYR B 206 15.22 14.98 -4.16
N LEU B 207 14.73 13.76 -4.35
CA LEU B 207 13.60 13.22 -3.59
C LEU B 207 13.95 11.80 -3.20
N GLN B 208 14.18 11.58 -1.91
CA GLN B 208 14.45 10.26 -1.37
C GLN B 208 13.14 9.60 -0.95
N MET B 209 12.79 8.49 -1.60
CA MET B 209 11.53 7.78 -1.36
C MET B 209 11.80 6.48 -0.60
N ASN B 210 11.54 6.50 0.72
CA ASN B 210 11.60 5.31 1.57
C ASN B 210 10.19 4.79 1.86
N SER B 211 10.14 3.57 2.42
CA SER B 211 8.89 2.89 2.76
C SER B 211 7.89 2.93 1.61
N LEU B 212 8.35 2.54 0.43
CA LEU B 212 7.52 2.65 -0.76
C LEU B 212 6.28 1.76 -0.65
N ARG B 213 5.16 2.27 -1.15
CA ARG B 213 3.89 1.55 -1.16
C ARG B 213 3.37 1.49 -2.59
N ALA B 214 2.51 0.50 -2.85
CA ALA B 214 1.90 0.37 -4.16
C ALA B 214 1.26 1.67 -4.63
N GLU B 215 0.61 2.40 -3.71
CA GLU B 215 -0.03 3.68 -4.03
C GLU B 215 0.97 4.78 -4.43
N ASP B 216 2.27 4.54 -4.31
CA ASP B 216 3.24 5.55 -4.72
C ASP B 216 3.55 5.49 -6.21
N THR B 217 2.96 4.55 -6.94
CA THR B 217 3.19 4.42 -8.38
C THR B 217 2.63 5.63 -9.11
N ALA B 218 3.45 6.26 -9.95
CA ALA B 218 3.13 7.58 -10.50
C ALA B 218 4.28 8.08 -11.36
N VAL B 219 3.96 8.97 -12.28
CA VAL B 219 4.96 9.82 -12.93
C VAL B 219 5.28 10.97 -12.00
N TYR B 220 6.58 11.17 -11.73
CA TYR B 220 7.04 12.18 -10.79
C TYR B 220 7.65 13.34 -11.57
N TYR B 221 7.13 14.54 -11.31
CA TYR B 221 7.57 15.76 -11.97
C TYR B 221 8.32 16.67 -11.02
N CYS B 222 9.44 17.20 -11.53
CA CYS B 222 10.22 18.28 -10.94
C CYS B 222 9.63 19.61 -11.41
N ALA B 223 9.65 20.62 -10.54
CA ALA B 223 9.00 21.90 -10.83
C ALA B 223 9.75 23.05 -10.16
N ARG B 224 9.92 24.15 -10.89
CA ARG B 224 10.50 25.38 -10.36
C ARG B 224 9.38 26.35 -9.99
N ASP B 225 9.42 26.90 -8.76
CA ASP B 225 8.39 27.81 -8.28
C ASP B 225 8.93 29.25 -8.13
N LEU B 226 8.14 30.23 -8.56
CA LEU B 226 8.55 31.63 -8.42
C LEU B 226 8.48 32.09 -6.96
N ILE B 227 7.43 31.67 -6.25
CA ILE B 227 7.36 31.71 -4.80
C ILE B 227 6.74 30.38 -4.38
N HIS B 228 6.74 30.11 -3.07
CA HIS B 228 6.11 28.92 -2.55
C HIS B 228 4.66 28.81 -3.04
N GLY B 229 4.34 27.70 -3.69
CA GLY B 229 3.00 27.43 -4.17
C GLY B 229 2.71 27.92 -5.58
N VAL B 230 3.65 28.56 -6.26
CA VAL B 230 3.40 29.16 -7.57
C VAL B 230 4.40 28.53 -8.54
N THR B 231 4.02 27.40 -9.13
CA THR B 231 4.87 26.66 -10.03
C THR B 231 4.86 27.32 -11.40
N ARG B 232 6.05 27.57 -11.95
CA ARG B 232 6.21 28.19 -13.26
C ARG B 232 6.74 27.24 -14.34
N ASN B 233 7.52 26.22 -13.98
CA ASN B 233 8.16 25.37 -14.98
C ASN B 233 8.11 23.91 -14.54
N TRP B 234 7.93 23.02 -15.49
CA TRP B 234 7.78 21.60 -15.24
C TRP B 234 8.83 20.82 -16.00
N GLY B 235 9.42 19.83 -15.34
CA GLY B 235 10.20 18.84 -16.06
C GLY B 235 9.29 17.92 -16.85
N CYS B 236 9.91 16.90 -17.45
CA CYS B 236 9.15 15.99 -18.28
C CYS B 236 8.71 14.74 -17.52
N GLY B 237 9.21 14.53 -16.32
CA GLY B 237 8.67 13.47 -15.49
C GLY B 237 9.44 12.17 -15.63
N THR B 238 9.49 11.43 -14.55
CA THR B 238 10.09 10.10 -14.56
C THR B 238 9.09 9.14 -13.93
N LEU B 239 9.04 7.93 -14.46
CA LEU B 239 7.99 7.00 -14.07
C LEU B 239 8.51 6.09 -12.96
N VAL B 240 7.77 6.04 -11.85
CA VAL B 240 8.12 5.17 -10.72
C VAL B 240 6.97 4.17 -10.56
N THR B 241 7.28 2.88 -10.73
CA THR B 241 6.30 1.82 -10.57
C THR B 241 6.66 0.98 -9.35
N VAL B 242 5.71 0.84 -8.43
CA VAL B 242 5.88 0.01 -7.25
C VAL B 242 4.95 -1.18 -7.44
N SER B 243 5.54 -2.37 -7.54
CA SER B 243 4.75 -3.55 -7.85
C SER B 243 5.41 -4.79 -7.27
N SER B 244 4.58 -5.75 -6.90
CA SER B 244 5.06 -7.04 -6.37
C SER B 244 5.44 -7.97 -7.53
N ARG C 10 34.62 -22.06 12.70
CA ARG C 10 35.36 -20.82 12.91
C ARG C 10 34.92 -20.17 14.22
N THR C 11 35.79 -20.21 15.23
CA THR C 11 35.50 -19.65 16.54
C THR C 11 36.00 -18.22 16.62
N VAL C 12 35.10 -17.29 16.96
CA VAL C 12 35.45 -15.88 17.11
C VAL C 12 34.97 -15.40 18.48
N MET C 13 35.62 -14.37 19.00
CA MET C 13 35.37 -13.87 20.34
C MET C 13 34.21 -12.87 20.35
N VAL C 14 33.61 -12.70 21.53
CA VAL C 14 32.50 -11.77 21.75
C VAL C 14 32.29 -11.54 23.25
N ASN C 15 32.00 -10.30 23.63
CA ASN C 15 31.93 -9.82 25.01
C ASN C 15 30.47 -9.71 25.49
N LEU C 16 30.20 -8.85 26.48
CA LEU C 16 28.87 -8.75 27.03
C LEU C 16 27.92 -8.13 25.99
N ASN C 26 9.59 -9.05 30.74
CA ASN C 26 8.47 -9.44 29.89
C ASN C 26 8.17 -8.34 28.88
N PRO C 27 7.65 -8.71 27.71
CA PRO C 27 7.21 -7.68 26.76
C PRO C 27 6.10 -6.81 27.31
N LYS C 28 5.27 -7.37 28.20
CA LYS C 28 4.21 -6.61 28.84
C LYS C 28 4.72 -5.35 29.51
N ARG C 29 6.03 -5.30 29.81
CA ARG C 29 6.60 -4.11 30.44
C ARG C 29 6.30 -2.86 29.62
N SER C 30 6.69 -2.86 28.34
CA SER C 30 6.53 -1.69 27.50
C SER C 30 5.46 -1.82 26.43
N SER C 31 4.79 -2.98 26.32
CA SER C 31 3.80 -3.16 25.26
C SER C 31 2.63 -3.99 25.74
N ASP C 32 1.42 -3.47 25.57
CA ASP C 32 0.22 -4.24 25.84
C ASP C 32 -0.56 -4.58 24.55
N TYR C 33 0.13 -4.66 23.41
CA TYR C 33 -0.56 -5.13 22.20
C TYR C 33 -1.14 -6.52 22.40
N TYR C 34 -0.51 -7.36 23.23
CA TYR C 34 -1.04 -8.69 23.50
C TYR C 34 -2.45 -8.64 24.06
N ASN C 35 -2.85 -7.52 24.66
CA ASN C 35 -4.18 -7.33 25.23
C ASN C 35 -5.16 -6.64 24.30
N ARG C 36 -4.67 -5.74 23.45
CA ARG C 36 -5.50 -4.85 22.66
C ARG C 36 -5.59 -5.27 21.20
N SER C 37 -4.80 -6.24 20.78
CA SER C 37 -4.90 -6.80 19.44
C SER C 37 -6.26 -7.44 19.23
N THR C 38 -6.79 -7.34 18.02
CA THR C 38 -7.95 -8.14 17.64
C THR C 38 -7.61 -9.62 17.59
N SER C 39 -6.32 -9.96 17.59
CA SER C 39 -5.85 -11.32 17.75
C SER C 39 -4.96 -11.35 19.00
N PRO C 40 -5.55 -11.26 20.18
CA PRO C 40 -4.76 -11.15 21.41
C PRO C 40 -4.09 -12.47 21.77
N TRP C 41 -3.10 -12.38 22.66
CA TRP C 41 -2.27 -13.53 22.99
C TRP C 41 -1.82 -13.48 24.44
N ASN C 42 -1.45 -14.65 24.94
CA ASN C 42 -0.81 -14.75 26.24
C ASN C 42 0.68 -14.90 26.04
N LEU C 43 1.42 -14.69 27.13
CA LEU C 43 2.87 -14.72 27.11
C LEU C 43 3.37 -15.87 27.97
N HIS C 44 4.17 -16.74 27.37
CA HIS C 44 4.75 -17.87 28.08
C HIS C 44 6.23 -17.59 28.36
N ARG C 45 6.61 -17.75 29.62
CA ARG C 45 7.99 -17.60 30.05
C ARG C 45 8.74 -18.90 29.72
N ASN C 46 9.62 -18.84 28.73
CA ASN C 46 10.44 -19.98 28.35
C ASN C 46 11.84 -19.75 28.92
N GLU C 47 12.18 -20.48 29.98
CA GLU C 47 13.46 -20.34 30.65
C GLU C 47 14.40 -21.46 30.25
N ASP C 48 15.65 -21.10 29.98
CA ASP C 48 16.69 -22.06 29.69
C ASP C 48 18.03 -21.46 30.12
N PRO C 49 18.60 -21.93 31.24
CA PRO C 49 19.89 -21.38 31.66
C PRO C 49 21.04 -21.78 30.77
N GLU C 50 20.94 -22.94 30.10
CA GLU C 50 21.90 -23.37 29.08
C GLU C 50 21.80 -22.55 27.79
N ARG C 51 21.06 -21.44 27.81
CA ARG C 51 20.80 -20.64 26.62
C ARG C 51 20.95 -19.16 26.98
N TYR C 52 21.44 -18.37 26.03
CA TYR C 52 21.46 -16.92 26.18
C TYR C 52 20.77 -16.28 24.98
N PRO C 53 19.70 -15.48 25.18
CA PRO C 53 19.14 -15.09 26.48
C PRO C 53 18.50 -16.24 27.23
N SER C 54 18.48 -16.15 28.56
CA SER C 54 17.96 -17.24 29.37
C SER C 54 16.45 -17.36 29.23
N VAL C 55 15.75 -16.23 29.18
CA VAL C 55 14.29 -16.18 29.16
C VAL C 55 13.86 -15.68 27.79
N ILE C 56 13.03 -16.47 27.12
CA ILE C 56 12.33 -16.06 25.91
C ILE C 56 10.84 -16.03 26.24
N TRP C 57 10.16 -14.98 25.79
CA TRP C 57 8.71 -14.88 25.94
C TRP C 57 8.05 -15.35 24.66
N GLU C 58 7.19 -16.36 24.77
CA GLU C 58 6.55 -16.98 23.62
C GLU C 58 5.06 -16.67 23.61
N ALA C 59 4.57 -16.17 22.47
CA ALA C 59 3.18 -15.81 22.32
C ALA C 59 2.30 -17.03 22.05
N GLN C 60 1.16 -17.09 22.73
CA GLN C 60 0.11 -18.07 22.47
C GLN C 60 -1.19 -17.34 22.18
N CYS C 61 -1.75 -17.50 20.98
CA CYS C 61 -2.99 -16.81 20.65
C CYS C 61 -4.10 -17.31 21.58
N ARG C 62 -4.96 -16.39 22.02
CA ARG C 62 -5.99 -16.74 22.99
C ARG C 62 -7.18 -17.46 22.36
N HIS C 63 -7.45 -17.23 21.08
CA HIS C 63 -8.65 -17.70 20.45
C HIS C 63 -8.32 -18.16 19.04
N LEU C 64 -9.22 -18.96 18.47
CA LEU C 64 -9.16 -19.26 17.05
C LEU C 64 -9.61 -18.07 16.22
N GLY C 65 -10.72 -17.45 16.59
CA GLY C 65 -11.23 -16.30 15.86
C GLY C 65 -10.51 -15.03 16.28
N CYS C 66 -11.04 -13.90 15.78
CA CYS C 66 -10.56 -12.56 16.11
C CYS C 66 -11.70 -11.71 16.69
N ILE C 67 -11.33 -10.80 17.58
CA ILE C 67 -12.29 -9.87 18.19
C ILE C 67 -12.81 -8.91 17.14
N ASN C 68 -14.14 -8.80 17.03
CA ASN C 68 -14.71 -7.88 16.07
C ASN C 68 -15.10 -6.56 16.75
N ALA C 69 -15.79 -5.69 15.99
CA ALA C 69 -16.09 -4.34 16.46
C ALA C 69 -17.12 -4.33 17.59
N ASP C 70 -17.78 -5.45 17.87
CA ASP C 70 -18.64 -5.56 19.04
C ASP C 70 -17.93 -6.14 20.25
N GLY C 71 -16.62 -6.37 20.17
CA GLY C 71 -15.93 -7.02 21.27
C GLY C 71 -16.06 -8.52 21.33
N ASN C 72 -16.62 -9.17 20.30
CA ASN C 72 -16.91 -10.60 20.32
C ASN C 72 -15.92 -11.40 19.47
N VAL C 73 -15.64 -12.62 19.92
CA VAL C 73 -14.81 -13.50 19.10
C VAL C 73 -15.56 -13.84 17.82
N ASP C 74 -14.88 -13.69 16.69
CA ASP C 74 -15.52 -13.74 15.37
C ASP C 74 -14.79 -14.77 14.51
N TYR C 75 -15.50 -15.80 14.07
CA TYR C 75 -14.87 -16.89 13.34
C TYR C 75 -14.85 -16.68 11.84
N HIS C 76 -15.16 -15.47 11.37
CA HIS C 76 -14.88 -15.12 9.99
C HIS C 76 -13.40 -14.83 9.73
N MET C 77 -12.58 -14.85 10.77
CA MET C 77 -11.14 -14.64 10.65
C MET C 77 -10.47 -15.51 11.70
N ASN C 78 -9.15 -15.67 11.60
CA ASN C 78 -8.42 -16.46 12.58
C ASN C 78 -7.27 -15.63 13.17
N SER C 79 -7.10 -15.72 14.50
CA SER C 79 -5.83 -15.40 15.15
C SER C 79 -4.78 -16.44 14.77
N VAL C 80 -3.62 -15.98 14.29
CA VAL C 80 -2.50 -16.86 13.94
C VAL C 80 -1.22 -16.31 14.54
N PRO C 81 -0.29 -17.16 15.00
CA PRO C 81 0.98 -16.65 15.53
C PRO C 81 1.94 -16.27 14.42
N ILE C 82 2.78 -15.29 14.68
CA ILE C 82 3.90 -14.97 13.81
C ILE C 82 5.12 -15.69 14.37
N GLN C 83 5.55 -16.75 13.70
CA GLN C 83 6.65 -17.60 14.14
C GLN C 83 7.91 -17.21 13.40
N GLN C 84 8.94 -16.80 14.16
CA GLN C 84 10.21 -16.36 13.60
C GLN C 84 11.38 -17.13 14.18
N GLU C 85 12.35 -17.44 13.32
CA GLU C 85 13.64 -17.96 13.76
C GLU C 85 14.51 -16.81 14.27
N ILE C 86 15.03 -16.94 15.49
CA ILE C 86 15.86 -15.91 16.08
C ILE C 86 17.17 -16.53 16.58
N LEU C 87 18.20 -15.69 16.68
CA LEU C 87 19.51 -16.12 17.16
C LEU C 87 19.53 -16.25 18.67
N VAL C 88 20.16 -17.32 19.16
CA VAL C 88 20.43 -17.51 20.58
C VAL C 88 21.83 -18.10 20.71
N LEU C 89 22.30 -18.24 21.94
CA LEU C 89 23.60 -18.82 22.21
C LEU C 89 23.39 -19.94 23.20
N ARG C 90 23.88 -21.11 22.89
CA ARG C 90 23.74 -22.28 23.77
C ARG C 90 25.09 -22.82 24.21
N ARG C 91 25.06 -23.84 25.07
CA ARG C 91 26.25 -24.49 25.58
C ARG C 91 26.69 -25.62 24.69
N GLU C 92 27.80 -25.40 23.98
CA GLU C 92 28.37 -26.37 23.08
C GLU C 92 28.74 -27.67 23.79
N PRO C 93 29.44 -27.66 24.93
CA PRO C 93 29.40 -28.81 25.82
C PRO C 93 28.30 -28.67 26.84
N PRO C 94 27.37 -29.63 26.90
CA PRO C 94 26.20 -29.46 27.78
C PRO C 94 26.58 -29.26 29.24
N HIS C 95 25.87 -28.34 29.89
CA HIS C 95 26.09 -27.93 31.28
C HIS C 95 27.47 -27.32 31.52
N SER C 96 28.22 -27.01 30.46
CA SER C 96 29.57 -26.47 30.61
C SER C 96 29.58 -25.02 30.13
N PRO C 97 29.70 -24.04 31.03
CA PRO C 97 29.67 -22.63 30.62
C PRO C 97 30.96 -22.13 30.00
N ASN C 98 31.63 -22.98 29.22
CA ASN C 98 32.90 -22.62 28.57
C ASN C 98 32.65 -22.36 27.09
N SER C 99 32.04 -21.20 26.80
CA SER C 99 31.68 -20.80 25.44
C SER C 99 30.67 -21.75 24.81
N PHE C 100 30.07 -21.37 23.68
CA PHE C 100 28.92 -22.12 23.22
C PHE C 100 28.63 -21.85 21.75
N ARG C 101 27.72 -22.64 21.19
CA ARG C 101 27.36 -22.56 19.78
C ARG C 101 26.26 -21.52 19.57
N LEU C 102 26.12 -21.11 18.31
CA LEU C 102 25.15 -20.10 17.89
C LEU C 102 24.03 -20.80 17.12
N GLU C 103 22.86 -20.89 17.74
CA GLU C 103 21.75 -21.65 17.20
C GLU C 103 20.60 -20.72 16.82
N LYS C 104 19.66 -21.26 16.03
CA LYS C 104 18.47 -20.55 15.59
C LYS C 104 17.25 -21.32 16.10
N ILE C 105 16.31 -20.61 16.73
CA ILE C 105 15.11 -21.24 17.26
C ILE C 105 13.87 -20.51 16.75
N LEU C 106 12.81 -21.28 16.55
CA LEU C 106 11.53 -20.78 16.05
C LEU C 106 10.64 -20.38 17.23
N VAL C 107 10.24 -19.10 17.27
CA VAL C 107 9.47 -18.58 18.38
C VAL C 107 8.28 -17.80 17.86
N SER C 108 7.16 -17.88 18.57
CA SER C 108 6.00 -17.04 18.30
C SER C 108 6.27 -15.67 18.96
N VAL C 109 6.46 -14.64 18.14
CA VAL C 109 6.74 -13.29 18.65
C VAL C 109 5.47 -12.49 18.93
N GLY C 110 4.33 -12.90 18.37
CA GLY C 110 3.08 -12.19 18.51
C GLY C 110 2.03 -12.87 17.64
N CYS C 111 0.83 -12.30 17.63
CA CYS C 111 -0.24 -12.84 16.80
C CYS C 111 -0.82 -11.75 15.92
N THR C 112 -1.28 -12.13 14.73
CA THR C 112 -1.99 -11.27 13.80
C THR C 112 -3.28 -11.97 13.37
N CYS C 113 -4.16 -11.23 12.73
CA CYS C 113 -5.47 -11.72 12.34
C CYS C 113 -5.52 -11.92 10.83
N VAL C 114 -5.82 -13.13 10.39
CA VAL C 114 -5.82 -13.42 8.96
C VAL C 114 -7.27 -13.51 8.49
N THR C 115 -7.53 -13.02 7.29
CA THR C 115 -8.86 -13.02 6.74
C THR C 115 -8.86 -13.72 5.40
N PRO C 116 -9.96 -14.39 5.04
CA PRO C 116 -10.09 -14.96 3.68
C PRO C 116 -10.42 -13.94 2.61
N ILE C 117 -10.77 -12.70 2.97
CA ILE C 117 -11.15 -11.66 2.02
C ILE C 117 -9.91 -10.82 1.73
N VAL C 118 -9.30 -11.00 0.57
CA VAL C 118 -8.12 -10.21 0.23
C VAL C 118 -8.25 -9.63 -1.18
N ARG D 10 50.86 29.51 -0.56
CA ARG D 10 51.53 30.81 -0.56
C ARG D 10 51.18 31.58 0.71
N THR D 11 52.13 31.60 1.64
CA THR D 11 51.91 32.16 2.97
C THR D 11 52.42 33.60 3.04
N VAL D 12 51.64 34.47 3.70
CA VAL D 12 52.04 35.84 3.99
C VAL D 12 51.55 36.24 5.37
N MET D 13 52.12 37.34 5.87
CA MET D 13 51.86 37.84 7.21
C MET D 13 50.70 38.83 7.21
N VAL D 14 50.12 39.04 8.38
CA VAL D 14 49.03 39.99 8.56
C VAL D 14 48.92 40.33 10.04
N ASN D 15 48.78 41.62 10.33
CA ASN D 15 48.59 42.12 11.69
C ASN D 15 47.11 42.17 12.03
N LEU D 16 46.76 42.80 13.15
CA LEU D 16 45.37 42.94 13.57
C LEU D 16 44.56 43.75 12.55
N ASN D 26 26.17 43.84 18.27
CA ASN D 26 24.95 43.54 17.52
C ASN D 26 24.69 44.62 16.47
N PRO D 27 24.55 44.21 15.22
CA PRO D 27 24.06 45.15 14.20
C PRO D 27 22.67 45.66 14.52
N LYS D 28 21.94 44.96 15.41
CA LYS D 28 20.65 45.43 15.90
C LYS D 28 20.78 46.70 16.73
N ARG D 29 22.01 47.18 16.97
CA ARG D 29 22.25 48.45 17.66
C ARG D 29 22.44 49.61 16.70
N SER D 30 23.08 49.38 15.57
CA SER D 30 23.25 50.43 14.59
C SER D 30 22.13 50.47 13.56
N SER D 31 21.39 49.36 13.39
CA SER D 31 20.43 49.28 12.29
C SER D 31 19.23 48.44 12.69
N ASP D 32 18.02 48.96 12.41
CA ASP D 32 16.79 48.23 12.69
C ASP D 32 16.01 47.88 11.43
N TYR D 33 16.70 47.71 10.30
CA TYR D 33 16.02 47.17 9.12
C TYR D 33 15.43 45.79 9.39
N TYR D 34 16.09 44.99 10.22
CA TYR D 34 15.59 43.65 10.49
C TYR D 34 14.18 43.67 11.07
N ASN D 35 13.78 44.79 11.70
CA ASN D 35 12.42 44.95 12.23
C ASN D 35 11.48 45.61 11.23
N ARG D 36 11.97 46.54 10.43
CA ARG D 36 11.12 47.44 9.64
C ARG D 36 10.94 46.97 8.20
N SER D 37 11.81 46.09 7.74
CA SER D 37 11.69 45.47 6.44
C SER D 37 10.35 44.77 6.29
N THR D 38 9.81 44.78 5.05
CA THR D 38 8.68 43.92 4.75
C THR D 38 9.07 42.46 4.76
N SER D 39 10.36 42.14 4.72
CA SER D 39 10.87 40.79 4.93
C SER D 39 11.75 40.79 6.18
N PRO D 40 11.15 40.90 7.36
CA PRO D 40 11.94 41.04 8.59
C PRO D 40 12.67 39.75 8.94
N TRP D 41 13.69 39.88 9.80
CA TRP D 41 14.53 38.74 10.12
C TRP D 41 15.02 38.84 11.55
N ASN D 42 15.46 37.69 12.08
CA ASN D 42 16.10 37.59 13.38
C ASN D 42 17.59 37.47 13.19
N LEU D 43 18.34 37.85 14.23
CA LEU D 43 19.79 37.69 14.24
C LEU D 43 20.16 36.62 15.27
N HIS D 44 20.69 35.50 14.78
CA HIS D 44 21.11 34.39 15.63
C HIS D 44 22.64 34.39 15.72
N ARG D 45 23.15 34.66 16.94
CA ARG D 45 24.58 34.73 17.15
C ARG D 45 25.25 33.39 16.83
N ASN D 46 26.25 33.44 15.96
CA ASN D 46 27.02 32.25 15.60
C ASN D 46 28.43 32.44 16.15
N GLU D 47 28.79 31.64 17.15
CA GLU D 47 30.08 31.73 17.83
C GLU D 47 30.95 30.53 17.46
N ASP D 48 32.24 30.79 17.31
CA ASP D 48 33.20 29.75 16.98
C ASP D 48 34.60 30.26 17.31
N PRO D 49 35.24 29.71 18.34
CA PRO D 49 36.60 30.14 18.68
C PRO D 49 37.63 29.74 17.63
N GLU D 50 37.35 28.67 16.86
CA GLU D 50 38.23 28.25 15.78
C GLU D 50 38.20 29.20 14.58
N ARG D 51 37.30 30.18 14.56
CA ARG D 51 37.16 31.12 13.46
C ARG D 51 37.59 32.51 13.89
N TYR D 52 38.02 33.31 12.91
CA TYR D 52 38.16 34.74 13.08
C TYR D 52 37.40 35.43 11.95
N PRO D 53 36.41 36.30 12.25
CA PRO D 53 36.00 36.60 13.63
C PRO D 53 35.17 35.48 14.24
N SER D 54 35.24 35.38 15.57
CA SER D 54 34.64 34.26 16.29
C SER D 54 33.12 34.30 16.18
N VAL D 55 32.54 35.48 16.40
CA VAL D 55 31.09 35.66 16.39
C VAL D 55 30.70 36.34 15.08
N ILE D 56 29.75 35.73 14.37
CA ILE D 56 29.20 36.26 13.14
C ILE D 56 27.69 36.23 13.26
N TRP D 57 27.04 37.37 13.05
CA TRP D 57 25.59 37.48 13.17
C TRP D 57 24.93 37.00 11.88
N GLU D 58 24.02 36.04 12.01
CA GLU D 58 23.38 35.38 10.87
C GLU D 58 21.88 35.63 10.86
N ALA D 59 21.36 36.05 9.72
CA ALA D 59 19.95 36.40 9.58
C ALA D 59 19.08 35.17 9.33
N GLN D 60 17.91 35.13 9.98
CA GLN D 60 16.90 34.14 9.68
C GLN D 60 15.57 34.86 9.48
N CYS D 61 14.96 34.69 8.31
CA CYS D 61 13.72 35.40 8.02
C CYS D 61 12.63 34.96 8.99
N ARG D 62 11.86 35.94 9.48
CA ARG D 62 10.81 35.68 10.45
C ARG D 62 9.61 34.98 9.83
N HIS D 63 9.37 35.18 8.54
CA HIS D 63 8.13 34.74 7.91
C HIS D 63 8.41 34.06 6.58
N LEU D 64 7.39 33.37 6.07
CA LEU D 64 7.47 32.95 4.67
C LEU D 64 6.97 34.07 3.76
N GLY D 65 5.87 34.71 4.12
CA GLY D 65 5.34 35.79 3.34
C GLY D 65 6.08 37.08 3.64
N CYS D 66 5.53 38.18 3.11
CA CYS D 66 6.04 39.52 3.37
C CYS D 66 4.94 40.41 3.93
N ILE D 67 5.34 41.44 4.68
CA ILE D 67 4.38 42.37 5.25
C ILE D 67 3.82 43.25 4.14
N ASN D 68 2.51 43.40 4.12
CA ASN D 68 1.86 44.21 3.11
C ASN D 68 1.50 45.60 3.68
N ALA D 69 0.84 46.40 2.84
CA ALA D 69 0.52 47.78 3.18
C ALA D 69 -0.37 47.89 4.40
N ASP D 70 -1.07 46.83 4.77
CA ASP D 70 -1.87 46.86 5.99
C ASP D 70 -1.09 46.39 7.21
N GLY D 71 0.18 46.04 7.07
CA GLY D 71 0.93 45.49 8.18
C GLY D 71 0.75 44.01 8.41
N ASN D 72 0.14 43.27 7.48
CA ASN D 72 -0.16 41.85 7.66
C ASN D 72 0.81 40.99 6.85
N VAL D 73 1.16 39.83 7.41
CA VAL D 73 1.88 38.81 6.66
C VAL D 73 1.05 38.40 5.46
N ASP D 74 1.69 38.37 4.30
CA ASP D 74 0.98 38.26 3.02
C ASP D 74 1.72 37.25 2.16
N TYR D 75 1.02 36.22 1.70
CA TYR D 75 1.69 35.13 0.99
C TYR D 75 1.59 35.26 -0.54
N HIS D 76 1.25 36.46 -1.04
CA HIS D 76 1.50 36.79 -2.44
C HIS D 76 2.99 37.06 -2.71
N MET D 77 3.81 37.02 -1.69
N MET D 77 3.82 37.01 -1.68
CA MET D 77 5.25 37.24 -1.80
CA MET D 77 5.25 37.28 -1.78
C MET D 77 5.92 36.35 -0.78
C MET D 77 5.94 36.43 -0.74
N ASN D 78 7.25 36.26 -0.88
CA ASN D 78 8.04 35.45 0.03
C ASN D 78 9.24 36.23 0.54
N SER D 79 9.47 36.19 1.85
CA SER D 79 10.77 36.55 2.39
C SER D 79 11.81 35.51 2.01
N VAL D 80 12.94 35.95 1.48
CA VAL D 80 14.04 35.02 1.22
C VAL D 80 15.33 35.60 1.81
N PRO D 81 16.27 34.77 2.23
CA PRO D 81 17.53 35.32 2.77
C PRO D 81 18.53 35.62 1.69
N ILE D 82 19.21 36.75 1.83
CA ILE D 82 20.34 37.09 0.98
C ILE D 82 21.58 36.42 1.56
N GLN D 83 22.14 35.45 0.84
CA GLN D 83 23.31 34.70 1.26
C GLN D 83 24.54 35.27 0.56
N GLN D 84 25.60 35.54 1.33
CA GLN D 84 26.87 36.02 0.79
C GLN D 84 28.01 35.13 1.30
N GLU D 85 28.90 34.75 0.40
CA GLU D 85 30.16 34.14 0.81
C GLU D 85 31.10 35.23 1.32
N ILE D 86 31.66 35.04 2.51
CA ILE D 86 32.62 35.98 3.07
C ILE D 86 33.85 35.23 3.54
N LEU D 87 34.94 35.99 3.76
CA LEU D 87 36.22 35.42 4.13
C LEU D 87 36.34 35.36 5.65
N VAL D 88 36.52 34.15 6.17
CA VAL D 88 36.83 33.95 7.58
C VAL D 88 38.29 33.54 7.69
N LEU D 89 38.79 33.48 8.93
CA LEU D 89 40.11 32.94 9.23
C LEU D 89 39.94 31.78 10.20
N ARG D 90 39.98 30.55 9.67
CA ARG D 90 39.93 29.34 10.49
C ARG D 90 41.33 28.80 10.72
N ARG D 91 41.48 28.01 11.77
CA ARG D 91 42.81 27.55 12.19
C ARG D 91 43.30 26.41 11.30
N GLU D 92 44.57 26.52 10.88
CA GLU D 92 45.15 25.45 10.06
C GLU D 92 45.41 24.19 10.87
N PRO D 93 46.01 24.26 12.07
CA PRO D 93 45.96 23.11 12.98
C PRO D 93 44.83 23.27 14.00
N PRO D 94 43.93 22.30 14.10
CA PRO D 94 42.73 22.47 14.95
C PRO D 94 43.10 22.78 16.39
N HIS D 95 42.49 23.84 16.92
CA HIS D 95 42.71 24.32 18.29
C HIS D 95 44.16 24.72 18.53
N SER D 96 44.86 25.15 17.49
CA SER D 96 46.24 25.63 17.61
C SER D 96 46.33 27.06 17.13
N PRO D 97 46.58 28.04 18.03
CA PRO D 97 46.50 29.46 17.64
C PRO D 97 47.67 29.92 16.77
N ASN D 98 48.53 28.99 16.38
CA ASN D 98 49.62 29.28 15.46
C ASN D 98 49.04 29.61 14.08
N SER D 99 48.72 30.89 13.87
CA SER D 99 48.22 31.40 12.59
C SER D 99 46.85 30.85 12.24
N PHE D 100 46.47 30.93 10.96
CA PHE D 100 45.15 30.47 10.52
C PHE D 100 45.16 30.29 9.00
N ARG D 101 44.19 29.51 8.52
CA ARG D 101 43.96 29.30 7.10
C ARG D 101 42.70 30.05 6.66
N LEU D 102 42.70 30.51 5.41
CA LEU D 102 41.62 31.34 4.91
C LEU D 102 40.54 30.51 4.23
N GLU D 103 39.29 30.73 4.63
CA GLU D 103 38.16 30.00 4.08
C GLU D 103 37.04 30.97 3.70
N LYS D 104 36.21 30.56 2.75
CA LYS D 104 35.02 31.29 2.36
C LYS D 104 33.80 30.58 2.93
N ILE D 105 32.93 31.32 3.61
CA ILE D 105 31.77 30.72 4.25
C ILE D 105 30.50 31.44 3.79
N LEU D 106 29.42 30.67 3.65
CA LEU D 106 28.14 31.17 3.19
C LEU D 106 27.29 31.60 4.39
N VAL D 107 26.95 32.89 4.47
CA VAL D 107 26.18 33.40 5.58
C VAL D 107 25.01 34.24 5.06
N SER D 108 23.94 34.29 5.86
CA SER D 108 22.78 35.12 5.58
C SER D 108 22.97 36.48 6.24
N VAL D 109 22.95 37.55 5.44
CA VAL D 109 23.15 38.89 5.95
C VAL D 109 21.85 39.63 6.23
N GLY D 110 20.75 39.19 5.63
CA GLY D 110 19.48 39.86 5.77
C GLY D 110 18.48 39.19 4.87
N CYS D 111 17.29 39.74 4.79
CA CYS D 111 16.26 39.16 3.93
C CYS D 111 15.68 40.21 3.00
N THR D 112 15.24 39.76 1.84
CA THR D 112 14.53 40.58 0.88
C THR D 112 13.20 39.91 0.54
N CYS D 113 12.32 40.67 -0.09
CA CYS D 113 11.01 40.17 -0.48
C CYS D 113 10.99 39.89 -1.98
N VAL D 114 10.50 38.72 -2.35
CA VAL D 114 10.44 38.30 -3.74
C VAL D 114 8.99 38.19 -4.18
N THR D 115 8.72 38.64 -5.39
CA THR D 115 7.39 38.63 -5.97
C THR D 115 7.40 37.81 -7.26
N PRO D 116 6.30 37.12 -7.57
CA PRO D 116 6.19 36.42 -8.86
C PRO D 116 5.74 37.30 -10.03
N ILE D 117 5.43 38.56 -9.78
CA ILE D 117 4.90 39.43 -10.82
C ILE D 117 6.05 40.10 -11.54
N VAL D 118 5.99 40.09 -12.87
CA VAL D 118 6.96 40.83 -13.68
C VAL D 118 6.91 42.32 -13.34
N HIS D 119 8.08 42.93 -13.21
CA HIS D 119 8.20 44.35 -12.93
C HIS D 119 7.88 45.15 -14.19
N HIS D 120 6.82 45.97 -14.13
CA HIS D 120 6.55 46.88 -15.24
C HIS D 120 7.66 47.92 -15.34
N VAL D 121 8.06 48.22 -16.57
CA VAL D 121 9.17 49.16 -16.81
C VAL D 121 8.62 50.49 -17.33
CL CL E . -15.83 -32.63 15.92
CA CA F . 14.26 29.85 3.62
MG MG G . 12.81 46.72 -12.22
#